data_7NWV
#
_entry.id   7NWV
#
_cell.length_a   52.956
_cell.length_b   158.420
_cell.length_c   68.238
_cell.angle_alpha   90.000
_cell.angle_beta   102.147
_cell.angle_gamma   90.000
#
_symmetry.space_group_name_H-M   'P 1 21 1'
#
loop_
_entity.id
_entity.type
_entity.pdbx_description
1 polymer 'Lysosomal acid glucosylceramidase'
2 branched 1-deoxy-alpha-D-mannopyranose-(1-4)-2-acetamido-2-deoxy-beta-D-glucopyranose-(1-4)-2-acetamido-2-deoxy-beta-D-glucopyranose
3 non-polymer 'SULFATE ION'
4 non-polymer (1~{S},2~{R},3~{R},4~{S},5~{S})-4-[[4-[4-[2,2-bis(fluoranyl)-4,6,10,12-tetramethyl-3-aza-1-azonia-2-boranuidatricyclo[7.3.0.0^{3,7}]dodeca-1(12),4,6,8,10-pentaen-8-yl]butyl]-1,2,3-triazol-1-yl]methyl]cyclohexane-1,2,3,5-tetrol
5 non-polymer 2-acetamido-2-deoxy-beta-D-glucopyranose
6 non-polymer 1,2-ETHANEDIOL
7 non-polymer 8-[4-(1-ethyl-1,2,3-triazol-4-yl)butyl]-2,2-bis(fluoranyl)-4,6,10,12-tetramethyl-3-aza-1-azonia-2-boranuidatricyclo[7.3.0.0^{3,7}]dodeca-1(12),4,6,8,10-pentaene
8 water water
#
_entity_poly.entity_id   1
_entity_poly.type   'polypeptide(L)'
_entity_poly.pdbx_seq_one_letter_code
;ARPCIPKSFGYSSVVCVCNATYCDSFDPPTFPALGTFSRYESTRSGRRMELSMGPIQANHTGTGLLLTLQPEQKFQKVKG
FGGAMTDAAALNILALSPPAQNLLLKSYFSEEGIGYNIIRVPMASCDFSIRTYTYADTPDDFQLHNFSLPEEDTKLKIPL
IHRALQLAQRPVSLLASPWTSPTWLKTNGAVNGKGSLKGQPGDIYHQTWARYFVKFLDAYAEHKLQFWAVTAENEPSAGL
LSGYPFQCLGFTPEHQRDFIARDLGPTLANSTHHNVRLLMLDDQRLLLPHWAKVVLTDPEAAKYVHGIAVHWYLDFLAPA
KATLGETHRLFPNTMLFASEACVGSKFWEQSVRLGSWDRGMQYSHSIITNLLYHVVGWTDWNLALNPEGGPNWVRNFVDS
PIIVDITKDTFYKQPMFYHLGHFSKFIPEGSQRVGLVASQKNDLDAVALMHPDGSAVVVVLNRSSKDVPLTIKDPAVGFL
ETISPGYSIHTYLWRRQ
;
_entity_poly.pdbx_strand_id   AAA,BBB
#
# COMPACT_ATOMS: atom_id res chain seq x y z
N ALA A 1 18.69 -34.28 19.34
CA ALA A 1 18.82 -34.99 20.63
C ALA A 1 17.54 -34.87 21.45
N ARG A 2 16.76 -33.78 21.34
CA ARG A 2 15.49 -33.66 22.10
C ARG A 2 14.32 -33.28 21.20
N PRO A 3 13.20 -34.00 21.30
CA PRO A 3 12.02 -33.72 20.48
C PRO A 3 11.14 -32.61 21.04
N CYS A 4 10.32 -32.08 20.12
CA CYS A 4 9.23 -31.12 20.37
C CYS A 4 8.39 -31.67 21.52
N ILE A 5 8.17 -30.88 22.56
CA ILE A 5 7.06 -31.08 23.52
C ILE A 5 5.89 -30.25 23.02
N PRO A 6 4.91 -30.89 22.35
CA PRO A 6 3.83 -30.16 21.70
C PRO A 6 2.72 -29.67 22.65
N LYS A 7 2.14 -28.53 22.29
CA LYS A 7 0.95 -27.94 22.98
C LYS A 7 0.07 -27.25 21.96
N SER A 8 -1.22 -27.48 22.08
CA SER A 8 -2.26 -26.86 21.25
C SER A 8 -2.90 -25.70 22.01
N PHE A 9 -3.13 -24.59 21.33
CA PHE A 9 -3.90 -23.46 21.88
C PHE A 9 -5.19 -23.30 21.09
N GLY A 10 -5.56 -24.33 20.32
CA GLY A 10 -6.82 -24.36 19.56
C GLY A 10 -6.70 -23.84 18.15
N TYR A 11 -5.48 -23.66 17.63
CA TYR A 11 -5.25 -23.22 16.23
C TYR A 11 -4.86 -24.47 15.43
N SER A 12 -4.45 -24.31 14.17
CA SER A 12 -4.38 -25.44 13.23
C SER A 12 -3.24 -26.39 13.59
N SER A 13 -2.23 -25.96 14.34
CA SER A 13 -1.09 -26.84 14.71
C SER A 13 -0.62 -26.52 16.12
N VAL A 14 0.48 -27.10 16.50
CA VAL A 14 1.01 -27.01 17.89
C VAL A 14 2.20 -26.08 17.92
N VAL A 15 2.46 -25.55 19.12
CA VAL A 15 3.77 -24.94 19.45
C VAL A 15 4.62 -26.03 20.11
N CYS A 16 5.93 -25.81 20.16
CA CYS A 16 6.89 -26.61 20.95
C CYS A 16 7.28 -25.82 22.20
N VAL A 17 7.14 -26.48 23.35
CA VAL A 17 7.21 -25.83 24.69
C VAL A 17 8.63 -25.98 25.22
N CYS A 18 9.25 -24.87 25.56
CA CYS A 18 10.62 -24.86 26.12
C CYS A 18 10.56 -24.14 27.45
N ASN A 19 11.53 -24.41 28.31
CA ASN A 19 11.59 -23.78 29.65
C ASN A 19 13.04 -23.82 30.11
N ALA A 20 13.30 -23.68 31.42
CA ALA A 20 14.65 -23.57 32.01
C ALA A 20 15.44 -24.89 31.83
N THR A 21 14.77 -26.04 31.77
CA THR A 21 15.41 -27.39 31.81
C THR A 21 15.23 -28.15 30.47
N TYR A 22 14.28 -27.75 29.62
CA TYR A 22 13.96 -28.50 28.39
C TYR A 22 13.72 -27.57 27.20
N CYS A 23 14.34 -27.90 26.06
CA CYS A 23 13.98 -27.35 24.73
C CYS A 23 14.33 -28.36 23.65
N ASP A 24 13.47 -28.49 22.66
CA ASP A 24 13.73 -29.38 21.49
C ASP A 24 15.02 -28.90 20.83
N SER A 25 15.87 -29.81 20.33
CA SER A 25 17.17 -29.48 19.71
C SER A 25 17.64 -30.59 18.78
N PHE A 26 18.70 -30.35 18.05
CA PHE A 26 19.28 -31.27 17.06
C PHE A 26 20.62 -31.79 17.59
N ASP A 27 21.08 -32.90 17.01
CA ASP A 27 22.46 -33.42 17.20
C ASP A 27 23.39 -32.60 16.32
N PRO A 28 24.72 -32.65 16.52
CA PRO A 28 25.66 -31.96 15.65
C PRO A 28 25.32 -32.23 14.19
N PRO A 29 25.33 -31.19 13.31
CA PRO A 29 25.01 -31.36 11.90
C PRO A 29 26.12 -32.14 11.17
N THR A 30 25.71 -33.13 10.39
CA THR A 30 26.63 -33.98 9.60
C THR A 30 25.95 -34.28 8.25
N PHE A 31 26.73 -34.40 7.18
CA PHE A 31 26.25 -35.02 5.91
C PHE A 31 26.34 -36.53 6.03
N PRO A 32 25.30 -37.27 5.60
CA PRO A 32 25.40 -38.72 5.49
C PRO A 32 26.36 -39.14 4.37
N ALA A 33 26.54 -40.46 4.24
CA ALA A 33 27.41 -41.11 3.24
C ALA A 33 27.05 -40.62 1.83
N LEU A 34 28.05 -40.40 0.98
CA LEU A 34 27.82 -40.34 -0.49
C LEU A 34 26.83 -41.45 -0.85
N GLY A 35 25.71 -41.12 -1.48
CA GLY A 35 24.74 -42.12 -1.96
C GLY A 35 23.49 -42.16 -1.10
N THR A 36 23.51 -41.42 0.02
N THR A 36 23.47 -41.42 0.00
CA THR A 36 22.39 -41.27 1.00
CA THR A 36 22.22 -41.28 0.79
C THR A 36 21.95 -39.79 1.05
C THR A 36 21.93 -39.80 1.01
N PHE A 37 20.64 -39.52 1.17
CA PHE A 37 20.06 -38.18 1.43
C PHE A 37 19.45 -38.13 2.83
N SER A 38 19.43 -36.94 3.42
CA SER A 38 18.65 -36.65 4.67
C SER A 38 17.40 -35.89 4.28
N ARG A 39 16.25 -36.26 4.87
CA ARG A 39 14.95 -35.54 4.80
C ARG A 39 14.67 -34.95 6.19
N TYR A 40 14.41 -33.64 6.28
CA TYR A 40 13.78 -33.02 7.49
C TYR A 40 12.34 -32.72 7.17
N GLU A 41 11.40 -33.17 8.01
CA GLU A 41 9.96 -33.01 7.73
C GLU A 41 9.29 -32.26 8.88
N SER A 42 8.51 -31.23 8.57
CA SER A 42 7.52 -30.63 9.49
C SER A 42 6.15 -30.76 8.87
N THR A 43 5.13 -31.05 9.69
CA THR A 43 3.72 -31.23 9.26
C THR A 43 2.79 -30.48 10.20
N ARG A 44 1.64 -30.02 9.67
CA ARG A 44 0.53 -29.49 10.48
C ARG A 44 0.19 -30.54 11.57
N SER A 45 0.28 -31.83 11.25
CA SER A 45 -0.11 -32.94 12.17
C SER A 45 0.80 -32.96 13.41
N GLY A 46 2.02 -32.39 13.34
CA GLY A 46 2.84 -32.20 14.54
C GLY A 46 4.30 -32.52 14.35
N ARG A 47 4.75 -33.00 13.20
CA ARG A 47 6.18 -33.36 13.07
C ARG A 47 6.97 -32.05 13.01
N ARG A 48 8.10 -31.99 13.70
CA ARG A 48 8.94 -30.76 13.77
C ARG A 48 10.36 -31.11 13.34
N MET A 49 10.68 -30.83 12.06
CA MET A 49 12.04 -31.00 11.47
C MET A 49 12.57 -32.37 11.91
N GLU A 50 11.75 -33.40 11.76
CA GLU A 50 12.12 -34.82 12.01
C GLU A 50 13.06 -35.31 10.90
N LEU A 51 14.17 -35.92 11.31
CA LEU A 51 15.26 -36.43 10.43
C LEU A 51 14.96 -37.88 10.05
N SER A 52 14.89 -38.14 8.74
CA SER A 52 14.87 -39.50 8.15
C SER A 52 15.88 -39.52 6.98
N MET A 53 16.13 -40.72 6.47
CA MET A 53 17.11 -40.92 5.39
C MET A 53 16.57 -41.93 4.38
N GLY A 54 17.13 -41.84 3.18
CA GLY A 54 16.72 -42.62 2.00
C GLY A 54 17.96 -42.89 1.16
N PRO A 55 17.90 -43.89 0.25
CA PRO A 55 19.00 -44.13 -0.68
C PRO A 55 18.87 -43.19 -1.89
N ILE A 56 19.98 -42.65 -2.38
CA ILE A 56 20.00 -42.08 -3.76
C ILE A 56 20.21 -43.28 -4.68
N GLN A 57 19.27 -43.53 -5.58
CA GLN A 57 19.20 -44.71 -6.46
C GLN A 57 19.77 -44.39 -7.84
N ALA A 58 20.30 -45.41 -8.52
CA ALA A 58 20.87 -45.34 -9.89
C ALA A 58 19.77 -44.96 -10.89
N ASN A 59 18.54 -45.43 -10.73
CA ASN A 59 17.54 -45.22 -11.81
C ASN A 59 16.13 -44.98 -11.26
N HIS A 60 15.24 -44.57 -12.17
CA HIS A 60 13.84 -44.14 -11.92
C HIS A 60 12.99 -44.46 -13.13
N THR A 61 11.80 -45.01 -12.89
CA THR A 61 10.76 -45.21 -13.93
C THR A 61 9.45 -44.61 -13.43
N GLY A 62 8.66 -44.07 -14.35
CA GLY A 62 7.27 -43.65 -14.09
C GLY A 62 6.95 -42.32 -14.72
N THR A 63 5.67 -41.95 -14.68
CA THR A 63 5.11 -40.67 -15.21
C THR A 63 4.73 -39.74 -14.05
N GLY A 64 5.31 -39.95 -12.86
CA GLY A 64 5.05 -39.12 -11.66
C GLY A 64 5.77 -37.79 -11.77
N LEU A 65 5.50 -36.86 -10.86
CA LEU A 65 6.17 -35.54 -10.83
C LEU A 65 7.67 -35.76 -10.65
N LEU A 66 8.49 -35.19 -11.53
CA LEU A 66 9.95 -35.27 -11.49
C LEU A 66 10.52 -33.85 -11.40
N LEU A 67 11.29 -33.55 -10.36
CA LEU A 67 11.98 -32.25 -10.20
C LEU A 67 13.44 -32.52 -10.50
N THR A 68 13.95 -32.01 -11.61
CA THR A 68 15.34 -32.28 -12.03
C THR A 68 16.18 -31.08 -11.59
N LEU A 69 17.21 -31.32 -10.78
CA LEU A 69 18.24 -30.34 -10.38
C LEU A 69 18.98 -29.87 -11.64
N GLN A 70 19.24 -28.55 -11.71
CA GLN A 70 20.08 -27.92 -12.76
C GLN A 70 21.33 -27.35 -12.11
N PRO A 71 22.27 -28.21 -11.65
CA PRO A 71 23.42 -27.78 -10.87
C PRO A 71 24.28 -26.74 -11.59
N GLU A 72 24.29 -26.77 -12.93
CA GLU A 72 25.13 -25.82 -13.70
C GLU A 72 24.36 -24.53 -14.00
N GLN A 73 23.05 -24.46 -13.72
CA GLN A 73 22.23 -23.23 -13.93
C GLN A 73 22.22 -22.45 -12.62
N LYS A 74 23.08 -21.45 -12.51
CA LYS A 74 23.44 -20.77 -11.24
C LYS A 74 22.75 -19.42 -11.15
N PHE A 75 22.24 -19.08 -9.97
CA PHE A 75 21.62 -17.76 -9.74
C PHE A 75 22.42 -17.04 -8.66
N GLN A 76 21.73 -16.44 -7.69
CA GLN A 76 22.30 -15.59 -6.61
C GLN A 76 22.98 -16.47 -5.55
N LYS A 77 24.01 -15.89 -4.90
CA LYS A 77 24.64 -16.39 -3.66
C LYS A 77 23.84 -15.87 -2.47
N VAL A 78 23.62 -16.73 -1.50
CA VAL A 78 22.89 -16.39 -0.25
C VAL A 78 23.80 -15.65 0.74
N LYS A 79 23.25 -14.62 1.37
CA LYS A 79 23.87 -13.91 2.49
C LYS A 79 23.43 -14.59 3.79
N GLY A 80 22.13 -14.72 4.01
CA GLY A 80 21.62 -15.51 5.14
C GLY A 80 20.22 -15.19 5.60
N PHE A 81 19.97 -15.60 6.84
CA PHE A 81 18.62 -15.60 7.45
C PHE A 81 18.73 -15.22 8.92
N GLY A 82 17.74 -14.53 9.44
CA GLY A 82 17.71 -14.22 10.88
C GLY A 82 16.54 -13.35 11.22
N GLY A 83 16.72 -12.48 12.21
CA GLY A 83 15.63 -11.77 12.86
C GLY A 83 16.11 -10.50 13.54
N ALA A 84 15.19 -9.80 14.19
CA ALA A 84 15.46 -8.43 14.71
C ALA A 84 15.52 -8.45 16.23
N MET A 85 16.61 -7.90 16.75
CA MET A 85 16.82 -7.71 18.20
C MET A 85 16.34 -6.30 18.56
N THR A 86 15.02 -6.13 18.56
CA THR A 86 14.31 -4.93 19.00
C THR A 86 14.42 -4.83 20.53
N ASP A 87 14.04 -3.67 21.05
CA ASP A 87 13.88 -3.47 22.53
C ASP A 87 12.87 -4.49 23.05
N ALA A 88 11.78 -4.72 22.31
CA ALA A 88 10.71 -5.66 22.71
C ALA A 88 11.31 -7.06 22.80
N ALA A 89 12.07 -7.47 21.78
CA ALA A 89 12.64 -8.84 21.72
C ALA A 89 13.60 -9.02 22.90
N ALA A 90 14.44 -8.03 23.15
CA ALA A 90 15.46 -8.08 24.22
C ALA A 90 14.77 -8.17 25.58
N LEU A 91 13.72 -7.39 25.81
CA LEU A 91 12.97 -7.40 27.10
C LEU A 91 12.36 -8.77 27.32
N ASN A 92 11.76 -9.34 26.28
CA ASN A 92 11.06 -10.65 26.35
C ASN A 92 12.11 -11.73 26.63
N ILE A 93 13.25 -11.69 25.95
CA ILE A 93 14.31 -12.72 26.16
C ILE A 93 14.82 -12.61 27.60
N LEU A 94 15.13 -11.41 28.07
CA LEU A 94 15.77 -11.24 29.40
C LEU A 94 14.78 -11.42 30.54
N ALA A 95 13.49 -11.55 30.25
CA ALA A 95 12.43 -11.79 31.26
C ALA A 95 12.41 -13.27 31.61
N LEU A 96 12.99 -14.13 30.77
CA LEU A 96 13.18 -15.57 31.06
C LEU A 96 14.32 -15.73 32.07
N SER A 97 14.36 -16.86 32.75
CA SER A 97 15.51 -17.29 33.59
C SER A 97 16.74 -17.42 32.70
N PRO A 98 17.97 -17.14 33.22
CA PRO A 98 19.19 -17.33 32.42
C PRO A 98 19.31 -18.65 31.66
N PRO A 99 19.01 -19.82 32.26
CA PRO A 99 19.01 -21.06 31.50
C PRO A 99 17.95 -21.12 30.39
N ALA A 100 16.76 -20.56 30.61
CA ALA A 100 15.72 -20.47 29.55
C ALA A 100 16.15 -19.49 28.44
N GLN A 101 16.79 -18.38 28.80
CA GLN A 101 17.42 -17.42 27.85
C GLN A 101 18.36 -18.18 26.89
N ASN A 102 19.22 -19.00 27.47
CA ASN A 102 20.29 -19.74 26.76
C ASN A 102 19.66 -20.77 25.81
N LEU A 103 18.56 -21.41 26.19
CA LEU A 103 17.90 -22.39 25.30
C LEU A 103 17.18 -21.64 24.15
N LEU A 104 16.67 -20.42 24.41
CA LEU A 104 16.02 -19.60 23.36
C LEU A 104 17.09 -19.14 22.37
N LEU A 105 18.23 -18.60 22.85
CA LEU A 105 19.38 -18.17 22.00
C LEU A 105 19.96 -19.39 21.25
N LYS A 106 20.03 -20.58 21.84
CA LYS A 106 20.56 -21.78 21.15
C LYS A 106 19.57 -22.23 20.07
N SER A 107 18.27 -22.12 20.34
CA SER A 107 17.20 -22.44 19.37
C SER A 107 17.51 -21.66 18.09
N TYR A 108 17.79 -20.36 18.18
CA TYR A 108 18.01 -19.51 16.98
C TYR A 108 19.41 -19.60 16.41
N PHE A 109 20.45 -19.65 17.23
CA PHE A 109 21.82 -19.26 16.78
C PHE A 109 22.78 -20.44 16.74
N SER A 110 22.49 -21.54 17.42
CA SER A 110 23.38 -22.73 17.49
C SER A 110 23.07 -23.72 16.37
N GLU A 111 24.01 -24.64 16.11
CA GLU A 111 23.80 -25.84 15.24
C GLU A 111 22.86 -26.85 15.92
N GLU A 112 22.71 -26.80 17.24
CA GLU A 112 21.62 -27.49 18.00
C GLU A 112 20.25 -26.86 17.69
N GLY A 113 20.20 -25.67 17.11
CA GLY A 113 18.96 -25.05 16.64
C GLY A 113 19.02 -24.79 15.15
N ILE A 114 18.66 -23.58 14.69
CA ILE A 114 18.41 -23.38 13.23
C ILE A 114 19.40 -22.41 12.59
N GLY A 115 20.50 -22.06 13.26
CA GLY A 115 21.70 -21.45 12.65
C GLY A 115 21.47 -20.08 12.01
N TYR A 116 20.68 -19.21 12.61
CA TYR A 116 20.60 -17.79 12.18
C TYR A 116 21.99 -17.20 12.03
N ASN A 117 22.18 -16.39 10.99
CA ASN A 117 23.45 -15.69 10.77
C ASN A 117 23.20 -14.22 10.46
N ILE A 118 21.98 -13.70 10.73
CA ILE A 118 21.67 -12.26 10.53
C ILE A 118 20.93 -11.78 11.77
N ILE A 119 21.39 -10.65 12.32
CA ILE A 119 20.62 -9.90 13.34
C ILE A 119 20.42 -8.46 12.85
N ARG A 120 19.16 -8.04 12.76
CA ARG A 120 18.82 -6.63 12.44
C ARG A 120 18.72 -5.87 13.76
N VAL A 121 19.39 -4.72 13.84
CA VAL A 121 19.55 -3.93 15.08
C VAL A 121 18.96 -2.55 14.81
N PRO A 122 17.78 -2.21 15.39
CA PRO A 122 17.27 -0.85 15.30
C PRO A 122 18.31 0.13 15.85
N MET A 123 18.50 1.24 15.15
CA MET A 123 19.25 2.41 15.66
C MET A 123 18.30 3.25 16.51
N ALA A 124 18.34 3.05 17.82
CA ALA A 124 17.47 3.70 18.83
C ALA A 124 16.04 3.16 18.70
N SER A 125 15.02 3.96 19.03
CA SER A 125 13.67 3.43 19.34
C SER A 125 12.87 3.23 18.05
N CYS A 126 11.98 2.26 18.12
CA CYS A 126 10.93 2.04 17.11
C CYS A 126 9.63 1.72 17.83
N ASP A 127 8.64 1.17 17.14
CA ASP A 127 7.31 0.88 17.74
C ASP A 127 7.50 -0.24 18.77
N PHE A 128 8.36 -1.23 18.49
CA PHE A 128 8.72 -2.35 19.42
C PHE A 128 9.74 -1.86 20.43
N SER A 129 9.39 -0.75 21.07
CA SER A 129 10.14 -0.09 22.16
C SER A 129 9.11 0.31 23.21
N ILE A 130 9.51 0.48 24.47
CA ILE A 130 8.57 1.00 25.51
C ILE A 130 8.90 2.46 25.85
N ARG A 131 9.95 3.02 25.27
CA ARG A 131 10.47 4.36 25.58
C ARG A 131 10.76 4.98 24.21
N THR A 132 10.45 6.27 24.05
CA THR A 132 10.74 7.06 22.82
C THR A 132 12.08 7.73 23.04
N TYR A 133 13.10 7.38 22.25
CA TYR A 133 14.43 8.05 22.37
C TYR A 133 15.16 7.96 21.04
N THR A 134 16.15 8.83 20.88
CA THR A 134 17.25 8.66 19.91
C THR A 134 18.56 8.69 20.67
N TYR A 135 19.66 8.57 19.94
CA TYR A 135 21.01 8.61 20.52
C TYR A 135 21.49 10.05 20.70
N ALA A 136 20.80 11.05 20.19
CA ALA A 136 21.23 12.46 20.27
C ALA A 136 20.00 13.36 20.46
N ASP A 137 19.34 13.23 21.61
CA ASP A 137 18.10 13.99 21.91
C ASP A 137 18.39 15.44 22.40
N THR A 138 19.59 15.77 22.86
CA THR A 138 19.98 17.16 23.22
C THR A 138 19.90 18.02 21.96
N PRO A 139 19.01 19.04 21.92
CA PRO A 139 18.79 19.82 20.69
C PRO A 139 20.01 20.62 20.21
N ASP A 140 20.19 20.67 18.88
CA ASP A 140 21.10 21.59 18.16
C ASP A 140 22.54 21.16 18.43
N ASP A 141 22.74 19.85 18.68
CA ASP A 141 24.07 19.24 18.89
C ASP A 141 24.64 18.76 17.54
N PHE A 142 24.94 19.68 16.62
CA PHE A 142 25.24 19.37 15.19
C PHE A 142 26.52 18.56 15.08
N GLN A 143 27.47 18.77 16.00
CA GLN A 143 28.72 17.98 16.08
C GLN A 143 28.49 16.70 16.89
N LEU A 144 27.33 16.54 17.55
CA LEU A 144 26.92 15.26 18.18
C LEU A 144 27.90 14.92 19.30
N HIS A 145 28.31 15.96 20.05
CA HIS A 145 29.06 15.87 21.33
C HIS A 145 28.31 14.99 22.34
N ASN A 146 26.97 15.07 22.38
CA ASN A 146 26.09 14.41 23.40
C ASN A 146 25.49 13.10 22.84
N PHE A 147 25.91 12.64 21.66
CA PHE A 147 25.51 11.31 21.13
C PHE A 147 25.87 10.25 22.18
N SER A 148 24.96 9.35 22.51
CA SER A 148 25.40 8.17 23.28
C SER A 148 24.32 7.09 23.32
N LEU A 149 24.78 5.86 23.58
CA LEU A 149 23.93 4.68 23.72
C LEU A 149 23.34 4.67 25.12
N PRO A 150 22.00 4.54 25.24
CA PRO A 150 21.37 4.30 26.52
C PRO A 150 21.40 2.81 26.88
N GLU A 151 20.78 2.48 28.01
CA GLU A 151 20.81 1.11 28.58
C GLU A 151 20.10 0.13 27.67
N GLU A 152 19.10 0.55 26.87
CA GLU A 152 18.46 -0.32 25.85
C GLU A 152 19.53 -0.97 24.98
N ASP A 153 20.58 -0.23 24.63
CA ASP A 153 21.74 -0.82 23.90
C ASP A 153 22.72 -1.47 24.90
N THR A 154 23.24 -0.77 25.90
CA THR A 154 24.44 -1.24 26.63
C THR A 154 24.09 -2.38 27.59
N LYS A 155 22.88 -2.45 28.10
CA LYS A 155 22.50 -3.45 29.13
C LYS A 155 21.61 -4.55 28.54
N LEU A 156 20.98 -4.31 27.38
N LEU A 156 20.96 -4.32 27.40
CA LEU A 156 19.95 -5.24 26.85
CA LEU A 156 19.98 -5.28 26.84
C LEU A 156 20.39 -5.81 25.50
C LEU A 156 20.47 -5.81 25.49
N LYS A 157 20.50 -4.97 24.46
CA LYS A 157 20.70 -5.45 23.08
C LYS A 157 22.14 -5.96 22.92
N ILE A 158 23.12 -5.21 23.40
CA ILE A 158 24.54 -5.52 23.06
C ILE A 158 24.96 -6.83 23.74
N PRO A 159 24.72 -7.03 25.04
CA PRO A 159 24.98 -8.35 25.65
C PRO A 159 24.25 -9.53 24.99
N LEU A 160 22.97 -9.39 24.64
CA LEU A 160 22.21 -10.45 23.93
C LEU A 160 22.86 -10.75 22.57
N ILE A 161 23.36 -9.74 21.84
CA ILE A 161 23.99 -9.97 20.51
C ILE A 161 25.31 -10.74 20.72
N HIS A 162 26.13 -10.36 21.71
CA HIS A 162 27.38 -11.10 22.02
C HIS A 162 27.03 -12.53 22.41
N ARG A 163 26.02 -12.74 23.25
CA ARG A 163 25.60 -14.11 23.63
C ARG A 163 25.18 -14.91 22.39
N ALA A 164 24.47 -14.28 21.44
CA ALA A 164 24.08 -14.92 20.17
C ALA A 164 25.33 -15.35 19.40
N LEU A 165 26.27 -14.42 19.20
N LEU A 165 26.30 -14.45 19.25
CA LEU A 165 27.54 -14.68 18.48
CA LEU A 165 27.52 -14.70 18.44
C LEU A 165 28.26 -15.86 19.16
C LEU A 165 28.44 -15.71 19.16
N GLN A 166 28.38 -15.80 20.49
CA GLN A 166 29.11 -16.84 21.26
C GLN A 166 28.53 -18.22 20.94
N LEU A 167 27.24 -18.35 20.69
CA LEU A 167 26.58 -19.65 20.43
C LEU A 167 26.68 -20.05 18.95
N ALA A 168 27.04 -19.13 18.06
CA ALA A 168 27.01 -19.36 16.60
C ALA A 168 28.28 -20.07 16.14
N GLN A 169 28.11 -20.99 15.18
CA GLN A 169 29.23 -21.69 14.48
C GLN A 169 29.54 -21.03 13.15
N ARG A 170 28.64 -20.22 12.61
CA ARG A 170 28.90 -19.52 11.32
C ARG A 170 28.92 -18.04 11.64
N PRO A 171 29.73 -17.26 10.91
CA PRO A 171 29.79 -15.82 11.07
C PRO A 171 28.38 -15.23 11.02
N VAL A 172 28.04 -14.49 12.07
CA VAL A 172 26.77 -13.72 12.15
C VAL A 172 27.05 -12.29 11.65
N SER A 173 26.19 -11.82 10.76
CA SER A 173 26.21 -10.46 10.16
C SER A 173 25.17 -9.59 10.85
N LEU A 174 25.54 -8.40 11.32
CA LEU A 174 24.63 -7.42 11.96
C LEU A 174 24.21 -6.41 10.90
N LEU A 175 22.93 -6.09 10.89
CA LEU A 175 22.33 -5.12 9.96
C LEU A 175 21.67 -3.99 10.77
N ALA A 176 22.12 -2.74 10.62
CA ALA A 176 21.55 -1.62 11.39
C ALA A 176 20.53 -0.82 10.53
N SER A 177 19.43 -0.39 11.12
CA SER A 177 18.38 0.44 10.46
C SER A 177 17.84 1.49 11.44
N PRO A 178 17.76 2.77 11.06
CA PRO A 178 17.11 3.79 11.87
C PRO A 178 15.64 3.99 11.51
N TRP A 179 14.81 4.28 12.50
CA TRP A 179 13.38 4.64 12.29
C TRP A 179 13.25 6.17 12.27
N THR A 180 13.76 6.87 13.30
CA THR A 180 13.70 8.36 13.30
C THR A 180 15.09 8.91 13.60
N SER A 181 15.36 10.10 13.08
CA SER A 181 16.40 11.05 13.55
C SER A 181 15.95 11.70 14.85
N PRO A 182 16.88 12.31 15.60
CA PRO A 182 16.51 13.33 16.58
C PRO A 182 15.46 14.26 15.99
N THR A 183 14.47 14.68 16.78
CA THR A 183 13.35 15.54 16.33
C THR A 183 13.85 16.93 15.90
N TRP A 184 14.98 17.42 16.42
CA TRP A 184 15.52 18.75 16.06
C TRP A 184 16.19 18.71 14.67
N LEU A 185 16.33 17.54 14.06
CA LEU A 185 16.80 17.46 12.64
C LEU A 185 15.61 17.41 11.68
N LYS A 186 14.37 17.38 12.19
CA LYS A 186 13.16 17.08 11.35
C LYS A 186 12.23 18.29 11.16
N THR A 187 11.62 18.38 9.98
CA THR A 187 10.65 19.43 9.54
C THR A 187 9.51 19.52 10.55
N ASN A 188 9.06 18.41 11.09
CA ASN A 188 7.82 18.36 11.92
C ASN A 188 8.15 18.32 13.40
N GLY A 189 9.41 18.16 13.79
CA GLY A 189 9.87 18.19 15.20
C GLY A 189 9.24 17.11 16.06
N ALA A 190 8.87 15.97 15.49
CA ALA A 190 8.32 14.83 16.24
C ALA A 190 8.92 13.53 15.67
N VAL A 191 8.92 12.47 16.46
CA VAL A 191 9.54 11.16 16.07
C VAL A 191 8.66 10.49 15.01
N ASN A 192 7.37 10.82 15.01
CA ASN A 192 6.34 10.17 14.16
C ASN A 192 5.68 11.25 13.29
N GLY A 193 4.64 10.88 12.55
CA GLY A 193 3.94 11.77 11.61
C GLY A 193 4.74 11.99 10.35
N LYS A 194 4.18 12.79 9.45
CA LYS A 194 4.80 13.26 8.19
C LYS A 194 5.94 14.25 8.47
N GLY A 195 7.14 13.90 8.05
CA GLY A 195 8.30 14.77 8.30
C GLY A 195 9.53 14.14 7.73
N SER A 196 10.43 14.98 7.21
CA SER A 196 11.73 14.61 6.63
C SER A 196 12.84 15.33 7.41
N LEU A 197 14.08 15.09 7.05
CA LEU A 197 15.19 15.95 7.49
C LEU A 197 14.88 17.38 7.00
N LYS A 198 15.21 18.38 7.82
CA LYS A 198 15.20 19.80 7.39
C LYS A 198 16.23 20.01 6.27
N GLY A 199 16.05 21.10 5.54
CA GLY A 199 17.02 21.52 4.51
C GLY A 199 17.03 20.53 3.36
N GLN A 200 18.20 20.31 2.81
CA GLN A 200 18.39 19.46 1.62
C GLN A 200 19.71 18.74 1.78
N PRO A 201 19.85 17.58 1.11
CA PRO A 201 21.13 16.88 1.05
C PRO A 201 22.31 17.81 0.77
N GLY A 202 23.40 17.59 1.52
CA GLY A 202 24.64 18.38 1.38
C GLY A 202 24.77 19.45 2.47
N ASP A 203 23.74 19.69 3.27
CA ASP A 203 23.72 20.80 4.27
C ASP A 203 24.02 20.25 5.68
N ILE A 204 24.06 21.14 6.66
CA ILE A 204 24.44 20.79 8.05
C ILE A 204 23.51 19.70 8.62
N TYR A 205 22.22 19.76 8.35
CA TYR A 205 21.22 18.81 8.90
C TYR A 205 21.52 17.38 8.39
N HIS A 206 21.81 17.24 7.10
CA HIS A 206 22.10 15.97 6.40
C HIS A 206 23.50 15.45 6.73
N GLN A 207 24.47 16.35 6.94
CA GLN A 207 25.86 15.95 7.34
C GLN A 207 25.77 15.42 8.79
N THR A 208 24.99 16.07 9.63
CA THR A 208 24.83 15.64 11.04
C THR A 208 24.19 14.24 11.03
N TRP A 209 23.15 14.04 10.23
CA TRP A 209 22.43 12.76 10.21
C TRP A 209 23.35 11.66 9.68
N ALA A 210 24.19 11.93 8.67
CA ALA A 210 25.15 10.91 8.18
C ALA A 210 26.20 10.63 9.27
N ARG A 211 26.64 11.66 9.99
CA ARG A 211 27.67 11.50 11.07
C ARG A 211 27.08 10.65 12.21
N TYR A 212 25.79 10.76 12.48
CA TYR A 212 25.06 9.93 13.47
C TYR A 212 25.22 8.44 13.17
N PHE A 213 25.19 8.03 11.90
CA PHE A 213 25.50 6.64 11.49
C PHE A 213 26.91 6.24 11.92
N VAL A 214 27.89 7.12 11.68
CA VAL A 214 29.30 6.85 12.06
C VAL A 214 29.38 6.80 13.59
N LYS A 215 28.71 7.70 14.30
CA LYS A 215 28.75 7.72 15.79
C LYS A 215 28.17 6.40 16.33
N PHE A 216 27.09 5.91 15.73
CA PHE A 216 26.39 4.66 16.13
C PHE A 216 27.37 3.50 15.97
N LEU A 217 28.01 3.42 14.79
CA LEU A 217 28.97 2.36 14.44
C LEU A 217 30.21 2.48 15.35
N ASP A 218 30.69 3.69 15.63
CA ASP A 218 31.79 3.89 16.63
C ASP A 218 31.36 3.32 17.99
N ALA A 219 30.15 3.61 18.46
CA ALA A 219 29.73 3.22 19.83
C ALA A 219 29.60 1.69 19.90
N TYR A 220 28.99 1.04 18.91
CA TYR A 220 28.86 -0.43 18.91
C TYR A 220 30.27 -1.04 18.85
N ALA A 221 31.21 -0.39 18.14
CA ALA A 221 32.62 -0.88 17.99
C ALA A 221 33.34 -0.82 19.34
N GLU A 222 33.04 0.19 20.16
CA GLU A 222 33.55 0.34 21.55
C GLU A 222 33.08 -0.89 22.34
N HIS A 223 31.89 -1.42 22.05
CA HIS A 223 31.34 -2.66 22.68
C HIS A 223 31.70 -3.94 21.89
N LYS A 224 32.67 -3.87 20.97
CA LYS A 224 33.30 -5.01 20.25
C LYS A 224 32.32 -5.64 19.26
N LEU A 225 31.37 -4.86 18.71
CA LEU A 225 30.46 -5.37 17.65
C LEU A 225 30.76 -4.61 16.35
N GLN A 226 30.79 -5.33 15.26
CA GLN A 226 30.98 -4.73 13.92
C GLN A 226 29.74 -5.08 13.08
N PHE A 227 29.36 -4.16 12.21
CA PHE A 227 28.22 -4.33 11.28
C PHE A 227 28.68 -4.79 9.90
N TRP A 228 27.90 -5.69 9.35
CA TRP A 228 27.96 -6.11 7.93
C TRP A 228 27.41 -4.97 7.08
N ALA A 229 26.26 -4.41 7.49
CA ALA A 229 25.54 -3.44 6.63
C ALA A 229 24.70 -2.51 7.47
N VAL A 230 24.37 -1.36 6.88
CA VAL A 230 23.30 -0.46 7.39
C VAL A 230 22.33 -0.23 6.24
N THR A 231 21.08 0.12 6.56
CA THR A 231 20.09 0.62 5.59
C THR A 231 19.98 2.13 5.73
N ALA A 232 19.58 2.79 4.64
CA ALA A 232 19.62 4.26 4.47
C ALA A 232 18.50 4.88 5.32
N GLU A 233 17.56 4.05 5.78
CA GLU A 233 16.35 4.42 6.55
C GLU A 233 15.38 3.25 6.53
N ASN A 234 14.79 2.90 7.68
CA ASN A 234 13.66 1.94 7.71
C ASN A 234 12.43 2.61 7.05
N GLU A 235 11.86 1.99 6.01
CA GLU A 235 10.58 2.42 5.38
C GLU A 235 10.53 3.94 5.25
N PRO A 236 11.41 4.52 4.42
CA PRO A 236 11.40 5.97 4.16
C PRO A 236 10.05 6.50 3.67
N SER A 237 9.25 5.68 3.00
CA SER A 237 7.90 6.08 2.53
C SER A 237 7.00 6.39 3.74
N ALA A 238 7.21 5.74 4.90
CA ALA A 238 6.35 5.93 6.09
C ALA A 238 6.34 7.41 6.49
N GLY A 239 7.49 8.09 6.48
CA GLY A 239 7.54 9.53 6.85
C GLY A 239 6.88 10.45 5.82
N LEU A 240 6.37 9.94 4.70
CA LEU A 240 5.62 10.75 3.71
C LEU A 240 4.11 10.70 3.98
N LEU A 241 3.66 9.91 4.96
CA LEU A 241 2.22 9.67 5.26
C LEU A 241 1.81 10.48 6.49
N SER A 242 0.84 11.40 6.35
CA SER A 242 0.25 12.19 7.47
C SER A 242 -0.23 11.24 8.56
N GLY A 243 0.11 11.57 9.81
CA GLY A 243 -0.32 10.84 11.01
C GLY A 243 0.43 9.52 11.22
N TYR A 244 1.54 9.25 10.51
CA TYR A 244 2.20 7.93 10.65
C TYR A 244 2.41 7.69 12.15
N PRO A 245 1.88 6.59 12.74
CA PRO A 245 1.74 6.50 14.19
C PRO A 245 3.03 6.35 15.01
N PHE A 246 4.12 5.90 14.40
CA PHE A 246 5.38 5.66 15.14
C PHE A 246 6.61 6.18 14.40
N GLN A 247 7.77 5.94 15.01
CA GLN A 247 9.06 6.49 14.56
C GLN A 247 9.25 6.30 13.06
N CYS A 248 9.59 7.38 12.37
CA CYS A 248 9.74 7.38 10.90
C CYS A 248 10.53 8.61 10.47
N LEU A 249 11.04 8.59 9.26
CA LEU A 249 11.77 9.73 8.66
C LEU A 249 11.55 9.63 7.16
N GLY A 250 10.83 10.59 6.59
CA GLY A 250 10.34 10.50 5.21
C GLY A 250 11.44 10.84 4.23
N PHE A 251 11.64 9.99 3.22
CA PHE A 251 12.44 10.32 2.01
C PHE A 251 11.64 9.91 0.77
N THR A 252 11.53 10.80 -0.20
CA THR A 252 11.23 10.43 -1.60
C THR A 252 12.46 9.67 -2.11
N PRO A 253 12.35 8.94 -3.23
CA PRO A 253 13.52 8.29 -3.80
C PRO A 253 14.62 9.31 -4.17
N GLU A 254 14.23 10.48 -4.67
CA GLU A 254 15.18 11.57 -5.04
C GLU A 254 15.94 12.04 -3.80
N HIS A 255 15.25 12.19 -2.68
CA HIS A 255 15.87 12.65 -1.41
C HIS A 255 16.82 11.56 -0.93
N GLN A 256 16.43 10.30 -1.07
CA GLN A 256 17.32 9.19 -0.66
C GLN A 256 18.55 9.22 -1.57
N ARG A 257 18.33 9.32 -2.87
CA ARG A 257 19.41 9.37 -3.88
C ARG A 257 20.41 10.45 -3.46
N ASP A 258 19.92 11.66 -3.20
CA ASP A 258 20.81 12.83 -2.97
C ASP A 258 21.43 12.70 -1.58
N PHE A 259 20.72 12.14 -0.60
CA PHE A 259 21.30 11.94 0.77
C PHE A 259 22.50 10.99 0.67
N ILE A 260 22.31 9.91 -0.09
CA ILE A 260 23.33 8.84 -0.21
C ILE A 260 24.54 9.41 -0.97
N ALA A 261 24.29 10.11 -2.07
CA ALA A 261 25.34 10.62 -2.98
C ALA A 261 26.20 11.63 -2.22
N ARG A 262 25.58 12.47 -1.41
CA ARG A 262 26.24 13.70 -0.91
C ARG A 262 26.72 13.52 0.52
N ASP A 263 25.96 12.80 1.36
CA ASP A 263 26.19 12.77 2.82
C ASP A 263 26.52 11.35 3.28
N LEU A 264 25.59 10.41 3.16
CA LEU A 264 25.74 9.10 3.86
C LEU A 264 26.88 8.30 3.23
N GLY A 265 26.88 8.23 1.90
CA GLY A 265 27.96 7.54 1.16
C GLY A 265 29.34 8.05 1.53
N PRO A 266 29.66 9.32 1.22
CA PRO A 266 30.99 9.87 1.51
C PRO A 266 31.41 9.79 2.99
N THR A 267 30.48 10.10 3.89
CA THR A 267 30.71 10.09 5.35
C THR A 267 31.12 8.67 5.76
N LEU A 268 30.38 7.64 5.34
CA LEU A 268 30.76 6.25 5.66
C LEU A 268 32.09 5.94 4.96
N ALA A 269 32.23 6.31 3.69
CA ALA A 269 33.43 5.96 2.89
C ALA A 269 34.71 6.50 3.55
N ASN A 270 34.66 7.70 4.14
CA ASN A 270 35.81 8.36 4.79
C ASN A 270 35.91 8.00 6.28
N SER A 271 35.22 6.95 6.75
CA SER A 271 35.26 6.49 8.15
C SER A 271 36.06 5.19 8.28
N THR A 272 36.40 4.78 9.49
CA THR A 272 36.97 3.43 9.75
C THR A 272 35.92 2.36 9.38
N HIS A 273 34.66 2.73 9.16
CA HIS A 273 33.56 1.79 8.79
C HIS A 273 33.35 1.73 7.28
N HIS A 274 34.35 2.10 6.47
CA HIS A 274 34.22 2.13 4.99
C HIS A 274 33.77 0.75 4.47
N ASN A 275 34.04 -0.36 5.16
CA ASN A 275 33.70 -1.73 4.66
C ASN A 275 32.23 -2.08 4.95
N VAL A 276 31.53 -1.32 5.80
CA VAL A 276 30.10 -1.60 6.12
C VAL A 276 29.28 -1.33 4.86
N ARG A 277 28.45 -2.27 4.47
CA ARG A 277 27.66 -2.17 3.22
C ARG A 277 26.52 -1.18 3.47
N LEU A 278 26.09 -0.51 2.42
CA LEU A 278 24.90 0.35 2.47
C LEU A 278 23.80 -0.28 1.64
N LEU A 279 22.61 -0.47 2.24
CA LEU A 279 21.40 -0.95 1.52
C LEU A 279 20.40 0.20 1.41
N MET A 280 19.78 0.34 0.23
CA MET A 280 18.75 1.36 -0.04
C MET A 280 17.37 0.72 0.09
N LEU A 281 16.36 1.58 0.08
CA LEU A 281 14.91 1.27 0.08
C LEU A 281 14.52 0.82 1.48
N ASP A 282 14.78 -0.44 1.84
CA ASP A 282 14.35 -1.01 3.14
C ASP A 282 12.84 -0.80 3.30
N ASP A 283 12.06 -1.12 2.26
CA ASP A 283 10.63 -0.68 2.14
C ASP A 283 9.90 -1.73 1.27
N GLN A 284 8.61 -1.54 1.03
CA GLN A 284 7.76 -2.52 0.30
C GLN A 284 8.30 -2.71 -1.13
N ARG A 285 8.27 -3.92 -1.63
CA ARG A 285 8.87 -4.21 -2.95
C ARG A 285 8.05 -3.56 -4.07
N LEU A 286 6.81 -3.13 -3.85
CA LEU A 286 6.03 -2.43 -4.90
C LEU A 286 6.72 -1.12 -5.27
N LEU A 287 7.62 -0.57 -4.43
CA LEU A 287 8.39 0.65 -4.76
C LEU A 287 9.47 0.33 -5.80
N LEU A 288 9.61 -0.94 -6.19
CA LEU A 288 10.56 -1.37 -7.24
C LEU A 288 9.80 -1.66 -8.52
N PRO A 289 10.41 -1.43 -9.70
CA PRO A 289 11.79 -0.94 -9.80
C PRO A 289 12.06 0.58 -9.72
N HIS A 290 11.01 1.40 -9.57
CA HIS A 290 11.12 2.89 -9.68
C HIS A 290 12.21 3.41 -8.74
N TRP A 291 12.22 2.99 -7.47
CA TRP A 291 13.20 3.50 -6.49
C TRP A 291 14.61 3.07 -6.91
N ALA A 292 14.82 1.86 -7.37
CA ALA A 292 16.13 1.39 -7.88
C ALA A 292 16.54 2.31 -9.04
N LYS A 293 15.64 2.60 -9.97
CA LYS A 293 15.95 3.46 -11.13
C LYS A 293 16.39 4.87 -10.70
N VAL A 294 15.65 5.49 -9.77
CA VAL A 294 15.92 6.88 -9.31
C VAL A 294 17.32 6.90 -8.68
N VAL A 295 17.59 6.00 -7.76
CA VAL A 295 18.86 6.04 -6.96
C VAL A 295 20.05 5.58 -7.83
N LEU A 296 19.93 4.45 -8.50
CA LEU A 296 21.10 3.79 -9.12
C LEU A 296 21.41 4.34 -10.51
N THR A 297 20.56 5.11 -11.15
CA THR A 297 20.94 5.78 -12.44
C THR A 297 21.76 7.04 -12.15
N ASP A 298 21.90 7.44 -10.88
CA ASP A 298 22.90 8.46 -10.48
C ASP A 298 24.22 7.75 -10.11
N PRO A 299 25.29 7.83 -10.93
CA PRO A 299 26.52 7.09 -10.64
C PRO A 299 27.15 7.43 -9.27
N GLU A 300 26.92 8.64 -8.77
CA GLU A 300 27.49 9.21 -7.53
C GLU A 300 26.75 8.63 -6.31
N ALA A 301 25.47 8.31 -6.47
CA ALA A 301 24.73 7.49 -5.49
C ALA A 301 25.07 6.01 -5.67
N ALA A 302 25.02 5.49 -6.89
CA ALA A 302 25.12 4.03 -7.17
C ALA A 302 26.44 3.50 -6.61
N LYS A 303 27.51 4.29 -6.64
CA LYS A 303 28.85 3.81 -6.19
C LYS A 303 28.85 3.57 -4.68
N TYR A 304 27.88 4.07 -3.92
CA TYR A 304 27.79 3.83 -2.46
C TYR A 304 26.83 2.68 -2.12
N VAL A 305 26.04 2.21 -3.08
CA VAL A 305 24.90 1.30 -2.76
C VAL A 305 25.26 -0.14 -3.08
N HIS A 306 25.23 -1.00 -2.05
CA HIS A 306 25.63 -2.42 -2.14
C HIS A 306 24.41 -3.24 -2.56
N GLY A 307 23.23 -2.83 -2.10
CA GLY A 307 22.05 -3.68 -2.19
C GLY A 307 20.77 -2.92 -1.93
N ILE A 308 19.68 -3.61 -2.20
CA ILE A 308 18.31 -3.08 -2.08
C ILE A 308 17.59 -3.96 -1.05
N ALA A 309 17.12 -3.37 0.06
CA ALA A 309 16.38 -4.11 1.10
C ALA A 309 14.87 -3.95 0.89
N VAL A 310 14.12 -5.03 1.06
CA VAL A 310 12.64 -5.03 0.81
C VAL A 310 11.92 -5.64 2.00
N HIS A 311 10.70 -5.13 2.22
CA HIS A 311 9.74 -5.55 3.25
C HIS A 311 8.54 -6.22 2.56
N TRP A 312 7.80 -7.06 3.26
CA TRP A 312 6.90 -8.02 2.57
C TRP A 312 5.45 -7.56 2.61
N TYR A 313 5.11 -6.44 3.24
CA TYR A 313 3.73 -6.17 3.77
C TYR A 313 2.75 -5.93 2.62
N LEU A 314 3.25 -5.54 1.44
CA LEU A 314 2.38 -5.25 0.26
C LEU A 314 2.70 -6.21 -0.87
N ASP A 315 3.30 -7.36 -0.56
CA ASP A 315 3.63 -8.38 -1.59
C ASP A 315 2.35 -8.79 -2.31
N PHE A 316 1.21 -8.78 -1.63
CA PHE A 316 -0.06 -9.31 -2.20
C PHE A 316 -0.37 -8.63 -3.53
N LEU A 317 0.03 -7.37 -3.74
CA LEU A 317 -0.27 -6.66 -5.01
C LEU A 317 1.02 -6.26 -5.75
N ALA A 318 2.18 -6.79 -5.36
CA ALA A 318 3.47 -6.49 -6.02
C ALA A 318 4.02 -7.80 -6.55
N PRO A 319 3.58 -8.26 -7.74
CA PRO A 319 4.04 -9.51 -8.29
C PRO A 319 5.58 -9.53 -8.34
N ALA A 320 6.12 -10.67 -7.93
CA ALA A 320 7.58 -10.91 -7.83
C ALA A 320 8.27 -10.53 -9.14
N LYS A 321 7.74 -11.00 -10.27
CA LYS A 321 8.41 -10.79 -11.59
C LYS A 321 8.54 -9.28 -11.92
N ALA A 322 7.51 -8.46 -11.68
CA ALA A 322 7.45 -7.03 -12.07
C ALA A 322 8.32 -6.15 -11.15
N THR A 323 8.67 -6.64 -9.95
CA THR A 323 9.35 -5.83 -8.91
C THR A 323 10.78 -6.38 -8.74
N LEU A 324 10.93 -7.53 -8.11
CA LEU A 324 12.25 -8.18 -7.91
C LEU A 324 12.85 -8.56 -9.27
N GLY A 325 12.06 -9.20 -10.11
CA GLY A 325 12.56 -9.70 -11.41
C GLY A 325 13.06 -8.56 -12.27
N GLU A 326 12.26 -7.51 -12.42
CA GLU A 326 12.63 -6.35 -13.27
C GLU A 326 13.84 -5.59 -12.64
N THR A 327 13.92 -5.47 -11.31
CA THR A 327 15.04 -4.80 -10.63
C THR A 327 16.33 -5.57 -10.88
N HIS A 328 16.31 -6.91 -10.77
CA HIS A 328 17.47 -7.76 -11.07
C HIS A 328 17.93 -7.55 -12.52
N ARG A 329 16.99 -7.53 -13.46
CA ARG A 329 17.31 -7.41 -14.92
C ARG A 329 18.01 -6.08 -15.19
N LEU A 330 17.55 -4.99 -14.58
CA LEU A 330 18.11 -3.63 -14.76
C LEU A 330 19.43 -3.47 -13.99
N PHE A 331 19.53 -4.09 -12.83
CA PHE A 331 20.67 -3.87 -11.89
C PHE A 331 21.13 -5.20 -11.34
N PRO A 332 21.69 -6.07 -12.19
CA PRO A 332 21.97 -7.45 -11.82
C PRO A 332 23.02 -7.55 -10.71
N ASN A 333 23.90 -6.56 -10.59
CA ASN A 333 25.06 -6.60 -9.68
C ASN A 333 24.71 -5.90 -8.37
N THR A 334 23.44 -5.48 -8.20
CA THR A 334 22.97 -4.87 -6.93
C THR A 334 22.07 -5.88 -6.21
N MET A 335 22.56 -6.50 -5.15
CA MET A 335 21.80 -7.61 -4.51
C MET A 335 20.44 -7.11 -3.98
N LEU A 336 19.46 -8.01 -3.94
CA LEU A 336 18.16 -7.84 -3.25
C LEU A 336 18.16 -8.69 -1.97
N PHE A 337 17.65 -8.14 -0.90
CA PHE A 337 17.71 -8.69 0.48
C PHE A 337 16.38 -8.37 1.16
N ALA A 338 15.71 -9.35 1.73
CA ALA A 338 14.46 -9.14 2.46
C ALA A 338 14.81 -8.89 3.93
N SER A 339 14.41 -7.73 4.43
CA SER A 339 14.93 -7.20 5.71
C SER A 339 13.85 -7.11 6.79
N GLU A 340 12.58 -7.38 6.50
CA GLU A 340 11.51 -7.26 7.52
C GLU A 340 10.23 -7.96 7.05
N ALA A 341 9.77 -8.90 7.87
CA ALA A 341 8.48 -9.60 7.69
C ALA A 341 7.90 -9.91 9.08
N CYS A 342 6.59 -9.89 9.21
CA CYS A 342 5.88 -10.50 10.34
C CYS A 342 4.40 -10.61 9.95
N VAL A 343 3.70 -11.50 10.60
CA VAL A 343 2.23 -11.65 10.45
C VAL A 343 1.55 -11.01 11.67
N GLY A 344 0.24 -10.80 11.59
CA GLY A 344 -0.59 -10.30 12.72
C GLY A 344 -0.71 -8.78 12.75
N SER A 345 -0.12 -8.02 11.81
CA SER A 345 -0.15 -6.53 11.84
C SER A 345 -1.47 -5.93 11.30
N LYS A 346 -2.35 -6.67 10.62
CA LYS A 346 -3.64 -6.09 10.14
C LYS A 346 -4.60 -5.94 11.34
N PHE A 347 -5.43 -4.88 11.34
CA PHE A 347 -6.42 -4.57 12.41
C PHE A 347 -7.45 -5.70 12.54
N TRP A 348 -7.71 -6.48 11.48
CA TRP A 348 -8.70 -7.60 11.51
C TRP A 348 -8.05 -8.95 11.84
N GLU A 349 -6.71 -8.98 11.95
CA GLU A 349 -5.90 -10.17 12.36
C GLU A 349 -5.71 -10.16 13.87
N GLN A 350 -5.79 -11.31 14.52
CA GLN A 350 -5.33 -11.40 15.93
C GLN A 350 -3.78 -11.37 15.88
N SER A 351 -3.15 -10.68 16.83
CA SER A 351 -1.69 -10.39 16.84
C SER A 351 -0.91 -11.69 16.92
N VAL A 352 -1.32 -12.57 17.82
CA VAL A 352 -0.62 -13.83 18.14
C VAL A 352 -1.65 -14.95 17.97
N ARG A 353 -1.35 -15.94 17.14
CA ARG A 353 -2.14 -17.19 17.01
C ARG A 353 -1.26 -18.38 17.35
N LEU A 354 -1.15 -18.75 18.64
CA LEU A 354 -0.16 -19.77 19.05
C LEU A 354 -0.41 -21.08 18.29
N GLY A 355 0.56 -21.52 17.47
CA GLY A 355 0.54 -22.81 16.76
C GLY A 355 -0.04 -22.73 15.36
N SER A 356 -0.20 -21.50 14.82
CA SER A 356 -0.78 -21.23 13.47
C SER A 356 0.11 -21.86 12.40
N TRP A 357 -0.40 -22.88 11.71
CA TRP A 357 0.27 -23.48 10.52
C TRP A 357 0.24 -22.48 9.36
N ASP A 358 -0.86 -21.73 9.18
CA ASP A 358 -1.01 -20.69 8.14
C ASP A 358 0.16 -19.73 8.20
N ARG A 359 0.52 -19.29 9.41
CA ARG A 359 1.57 -18.25 9.59
C ARG A 359 2.93 -18.87 9.27
N GLY A 360 3.13 -20.16 9.60
CA GLY A 360 4.34 -20.90 9.17
C GLY A 360 4.46 -20.90 7.64
N MET A 361 3.40 -21.35 6.98
CA MET A 361 3.34 -21.42 5.50
C MET A 361 3.51 -20.03 4.87
N GLN A 362 3.01 -18.95 5.45
CA GLN A 362 3.30 -17.58 4.93
C GLN A 362 4.80 -17.35 4.90
N TYR A 363 5.54 -17.72 5.95
CA TYR A 363 7.01 -17.52 6.01
C TYR A 363 7.70 -18.31 4.90
N SER A 364 7.50 -19.63 4.84
CA SER A 364 8.22 -20.50 3.88
C SER A 364 7.82 -20.14 2.44
N HIS A 365 6.54 -19.83 2.18
CA HIS A 365 6.08 -19.40 0.83
C HIS A 365 6.83 -18.13 0.37
N SER A 366 6.95 -17.17 1.27
CA SER A 366 7.66 -15.89 1.05
C SER A 366 9.14 -16.16 0.77
N ILE A 367 9.78 -16.98 1.60
CA ILE A 367 11.24 -17.26 1.43
C ILE A 367 11.47 -17.91 0.06
N ILE A 368 10.68 -18.93 -0.31
CA ILE A 368 10.84 -19.63 -1.61
C ILE A 368 10.65 -18.60 -2.73
N THR A 369 9.58 -17.80 -2.71
CA THR A 369 9.31 -16.83 -3.79
C THR A 369 10.46 -15.83 -3.88
N ASN A 370 10.93 -15.28 -2.76
CA ASN A 370 12.10 -14.36 -2.76
C ASN A 370 13.30 -15.09 -3.41
N LEU A 371 13.58 -16.33 -3.00
CA LEU A 371 14.78 -17.08 -3.50
C LEU A 371 14.62 -17.33 -5.00
N LEU A 372 13.41 -17.49 -5.51
CA LEU A 372 13.17 -17.78 -6.94
C LEU A 372 13.29 -16.47 -7.75
N TYR A 373 13.43 -15.32 -7.07
CA TYR A 373 13.50 -13.99 -7.73
C TYR A 373 14.69 -13.23 -7.18
N HIS A 374 15.80 -13.95 -6.99
CA HIS A 374 17.18 -13.44 -6.84
C HIS A 374 17.47 -12.88 -5.45
N VAL A 375 16.58 -13.01 -4.48
CA VAL A 375 16.81 -12.41 -3.14
C VAL A 375 17.88 -13.23 -2.39
N VAL A 376 18.81 -12.57 -1.70
CA VAL A 376 20.03 -13.22 -1.14
C VAL A 376 19.82 -13.58 0.35
N GLY A 377 18.74 -13.13 0.96
CA GLY A 377 18.57 -13.27 2.42
C GLY A 377 17.18 -12.88 2.82
N TRP A 378 16.73 -13.35 3.99
CA TRP A 378 15.35 -13.08 4.45
C TRP A 378 15.44 -12.93 5.97
N THR A 379 14.89 -11.82 6.44
CA THR A 379 15.02 -11.40 7.83
C THR A 379 13.62 -11.30 8.45
N ASP A 380 13.42 -12.05 9.52
CA ASP A 380 12.23 -11.89 10.40
C ASP A 380 12.32 -10.54 11.16
N TRP A 381 11.18 -10.10 11.71
CA TRP A 381 11.11 -8.96 12.64
C TRP A 381 11.38 -9.48 14.07
N ASN A 382 10.64 -9.04 15.11
CA ASN A 382 10.98 -9.35 16.52
C ASN A 382 11.37 -10.83 16.71
N LEU A 383 12.53 -11.08 17.31
CA LEU A 383 13.00 -12.46 17.61
C LEU A 383 12.06 -13.11 18.62
N ALA A 384 11.38 -12.33 19.45
CA ALA A 384 10.50 -12.83 20.52
C ALA A 384 9.54 -11.72 20.92
N LEU A 385 8.30 -12.10 21.21
CA LEU A 385 7.27 -11.21 21.77
C LEU A 385 6.56 -11.93 22.91
N ASN A 386 5.79 -11.18 23.69
CA ASN A 386 4.94 -11.73 24.78
C ASN A 386 3.63 -12.25 24.14
N PRO A 387 2.72 -12.91 24.90
CA PRO A 387 1.52 -13.51 24.31
C PRO A 387 0.52 -12.48 23.75
N GLU A 388 0.67 -11.20 24.12
CA GLU A 388 -0.09 -10.06 23.54
C GLU A 388 0.50 -9.65 22.18
N GLY A 389 1.74 -10.02 21.90
CA GLY A 389 2.44 -9.56 20.68
C GLY A 389 3.22 -8.28 20.91
N GLY A 390 3.61 -8.04 22.16
CA GLY A 390 4.23 -6.79 22.60
C GLY A 390 5.51 -7.06 23.39
N PRO A 391 6.05 -6.07 24.12
CA PRO A 391 5.43 -4.75 24.25
C PRO A 391 5.64 -3.87 23.01
N ASN A 392 4.86 -2.79 22.90
CA ASN A 392 4.86 -1.88 21.73
C ASN A 392 4.18 -0.59 22.15
N TRP A 393 4.88 0.54 22.09
CA TRP A 393 4.41 1.78 22.76
C TRP A 393 3.19 2.35 22.03
N VAL A 394 2.89 1.88 20.84
CA VAL A 394 1.65 2.33 20.13
C VAL A 394 0.66 1.17 20.02
N ARG A 395 0.89 0.08 20.75
CA ARG A 395 0.03 -1.13 20.78
C ARG A 395 -0.14 -1.66 19.35
N ASN A 396 0.88 -1.53 18.52
CA ASN A 396 0.95 -2.15 17.18
C ASN A 396 1.46 -3.59 17.34
N PHE A 397 0.63 -4.47 17.93
CA PHE A 397 0.99 -5.84 18.34
C PHE A 397 1.02 -6.75 17.11
N VAL A 398 2.00 -7.66 17.05
CA VAL A 398 2.16 -8.61 15.92
C VAL A 398 2.58 -9.97 16.48
N ASP A 399 2.81 -10.94 15.59
CA ASP A 399 3.22 -12.31 15.96
C ASP A 399 4.74 -12.41 15.86
N SER A 400 5.29 -13.45 16.44
CA SER A 400 6.76 -13.74 16.43
C SER A 400 6.90 -15.25 16.46
N PRO A 401 7.96 -15.80 15.84
CA PRO A 401 8.19 -17.24 15.83
C PRO A 401 8.38 -17.78 17.25
N ILE A 402 8.86 -16.94 18.19
CA ILE A 402 8.95 -17.35 19.61
C ILE A 402 8.13 -16.40 20.49
N ILE A 403 7.22 -16.97 21.29
CA ILE A 403 6.40 -16.23 22.27
C ILE A 403 6.84 -16.63 23.68
N VAL A 404 7.23 -15.66 24.48
CA VAL A 404 7.74 -15.86 25.87
C VAL A 404 6.55 -15.74 26.82
N ASP A 405 6.48 -16.65 27.79
CA ASP A 405 5.40 -16.66 28.81
C ASP A 405 6.08 -16.57 30.17
N ILE A 406 6.29 -15.36 30.66
CA ILE A 406 7.17 -15.05 31.83
C ILE A 406 6.63 -15.75 33.08
N THR A 407 5.31 -15.86 33.21
CA THR A 407 4.65 -16.41 34.41
C THR A 407 5.08 -17.87 34.57
N LYS A 408 5.34 -18.59 33.45
CA LYS A 408 5.65 -20.04 33.46
C LYS A 408 7.15 -20.27 33.21
N ASP A 409 7.94 -19.19 33.10
CA ASP A 409 9.36 -19.23 32.67
C ASP A 409 9.45 -20.14 31.44
N THR A 410 8.57 -19.90 30.48
CA THR A 410 8.35 -20.79 29.30
C THR A 410 8.43 -19.95 28.04
N PHE A 411 8.88 -20.56 26.93
CA PHE A 411 8.74 -19.95 25.58
C PHE A 411 8.21 -21.02 24.64
N TYR A 412 7.43 -20.55 23.66
CA TYR A 412 6.72 -21.40 22.67
C TYR A 412 7.35 -21.17 21.30
N LYS A 413 7.78 -22.23 20.64
CA LYS A 413 8.35 -22.15 19.26
C LYS A 413 7.25 -22.50 18.28
N GLN A 414 6.83 -21.52 17.50
CA GLN A 414 5.63 -21.63 16.65
C GLN A 414 6.00 -22.27 15.31
N PRO A 415 5.02 -22.63 14.47
CA PRO A 415 5.33 -23.10 13.13
C PRO A 415 6.28 -22.19 12.34
N MET A 416 6.16 -20.88 12.47
CA MET A 416 7.03 -19.89 11.75
C MET A 416 8.49 -20.19 12.05
N PHE A 417 8.80 -20.57 13.29
CA PHE A 417 10.19 -20.89 13.71
C PHE A 417 10.78 -22.02 12.85
N TYR A 418 10.05 -23.12 12.75
CA TYR A 418 10.45 -24.34 11.99
C TYR A 418 10.44 -24.05 10.48
N HIS A 419 9.43 -23.34 9.97
CA HIS A 419 9.34 -22.99 8.53
C HIS A 419 10.54 -22.12 8.14
N LEU A 420 10.94 -21.18 8.98
CA LEU A 420 12.16 -20.36 8.67
C LEU A 420 13.37 -21.30 8.83
N GLY A 421 13.34 -22.20 9.82
CA GLY A 421 14.47 -23.12 10.08
C GLY A 421 14.78 -24.07 8.93
N HIS A 422 13.75 -24.47 8.20
CA HIS A 422 13.88 -25.32 6.99
C HIS A 422 14.84 -24.67 6.00
N PHE A 423 15.00 -23.35 6.04
CA PHE A 423 15.95 -22.61 5.18
C PHE A 423 17.21 -22.30 5.98
N SER A 424 17.10 -21.60 7.11
CA SER A 424 18.25 -21.02 7.86
C SER A 424 19.19 -22.15 8.25
N LYS A 425 18.68 -23.29 8.70
CA LYS A 425 19.56 -24.37 9.23
C LYS A 425 20.44 -24.93 8.11
N PHE A 426 19.93 -24.94 6.89
CA PHE A 426 20.42 -25.84 5.81
C PHE A 426 20.95 -25.05 4.62
N ILE A 427 20.89 -23.73 4.66
CA ILE A 427 21.38 -22.88 3.55
C ILE A 427 22.41 -21.91 4.09
N PRO A 428 23.70 -22.31 4.16
CA PRO A 428 24.72 -21.43 4.72
C PRO A 428 25.04 -20.27 3.78
N GLU A 429 25.60 -19.23 4.35
CA GLU A 429 26.20 -18.09 3.61
C GLU A 429 27.05 -18.64 2.45
N GLY A 430 26.85 -18.10 1.25
CA GLY A 430 27.62 -18.47 0.05
C GLY A 430 26.96 -19.57 -0.75
N SER A 431 25.88 -20.19 -0.25
CA SER A 431 25.04 -21.15 -1.02
C SER A 431 24.55 -20.42 -2.27
N GLN A 432 24.44 -21.11 -3.40
CA GLN A 432 23.97 -20.50 -4.66
C GLN A 432 22.67 -21.19 -5.09
N ARG A 433 21.61 -20.42 -5.35
N ARG A 433 21.62 -20.42 -5.36
CA ARG A 433 20.38 -21.00 -5.94
CA ARG A 433 20.35 -20.96 -5.93
C ARG A 433 20.77 -21.61 -7.29
C ARG A 433 20.68 -21.56 -7.31
N VAL A 434 20.24 -22.79 -7.56
CA VAL A 434 20.40 -23.48 -8.86
C VAL A 434 18.99 -23.82 -9.35
N GLY A 435 18.87 -24.17 -10.64
CA GLY A 435 17.57 -24.45 -11.23
C GLY A 435 17.03 -25.75 -10.71
N LEU A 436 15.74 -25.89 -10.83
CA LEU A 436 14.99 -27.10 -10.42
C LEU A 436 13.76 -27.17 -11.31
N VAL A 437 13.80 -28.06 -12.31
CA VAL A 437 12.78 -28.09 -13.38
C VAL A 437 11.75 -29.17 -13.05
N ALA A 438 10.48 -28.80 -13.08
CA ALA A 438 9.32 -29.70 -12.88
C ALA A 438 8.93 -30.33 -14.21
N SER A 439 8.66 -31.65 -14.20
CA SER A 439 8.27 -32.45 -15.39
C SER A 439 6.85 -32.09 -15.79
N GLN A 440 6.05 -31.61 -14.84
CA GLN A 440 4.62 -31.28 -15.04
C GLN A 440 4.26 -30.19 -14.04
N LYS A 441 3.17 -29.48 -14.29
CA LYS A 441 2.59 -28.46 -13.39
C LYS A 441 2.17 -29.17 -12.10
N ASN A 442 2.30 -28.48 -10.96
CA ASN A 442 2.13 -29.06 -9.59
C ASN A 442 1.80 -27.89 -8.63
N ASP A 443 1.31 -28.20 -7.44
CA ASP A 443 0.83 -27.20 -6.46
C ASP A 443 1.92 -26.93 -5.41
N LEU A 444 3.09 -27.54 -5.57
CA LEU A 444 4.22 -27.49 -4.62
C LEU A 444 4.98 -26.17 -4.78
N ASP A 445 5.60 -25.70 -3.70
CA ASP A 445 6.63 -24.62 -3.79
C ASP A 445 7.95 -25.27 -3.49
N ALA A 446 8.95 -25.07 -4.36
CA ALA A 446 10.25 -25.72 -4.25
C ALA A 446 11.37 -24.81 -4.72
N VAL A 447 12.52 -24.99 -4.09
CA VAL A 447 13.78 -24.27 -4.41
C VAL A 447 14.96 -25.20 -4.13
N ALA A 448 15.98 -25.10 -4.97
CA ALA A 448 17.22 -25.87 -4.88
C ALA A 448 18.38 -24.90 -4.75
N LEU A 449 19.37 -25.25 -3.94
CA LEU A 449 20.63 -24.51 -3.82
C LEU A 449 21.77 -25.51 -3.72
N MET A 450 22.96 -24.99 -4.01
CA MET A 450 24.26 -25.69 -3.84
C MET A 450 25.11 -24.97 -2.78
N HIS A 451 25.45 -25.69 -1.71
CA HIS A 451 26.38 -25.23 -0.67
C HIS A 451 27.69 -24.85 -1.31
N PRO A 452 28.45 -23.92 -0.68
CA PRO A 452 29.78 -23.56 -1.16
C PRO A 452 30.61 -24.81 -1.43
N ASP A 453 30.46 -25.87 -0.64
CA ASP A 453 31.24 -27.12 -0.78
C ASP A 453 30.79 -27.96 -1.98
N GLY A 454 29.57 -27.74 -2.51
CA GLY A 454 29.02 -28.46 -3.67
C GLY A 454 27.87 -29.39 -3.32
N SER A 455 27.54 -29.57 -2.04
CA SER A 455 26.42 -30.43 -1.57
C SER A 455 25.09 -29.79 -1.98
N ALA A 456 24.03 -30.58 -2.10
CA ALA A 456 22.70 -30.14 -2.61
C ALA A 456 21.70 -29.90 -1.47
N VAL A 457 20.89 -28.85 -1.57
CA VAL A 457 19.76 -28.65 -0.61
C VAL A 457 18.53 -28.32 -1.42
N VAL A 458 17.43 -28.99 -1.13
CA VAL A 458 16.11 -28.73 -1.77
C VAL A 458 15.05 -28.58 -0.69
N VAL A 459 14.29 -27.50 -0.78
CA VAL A 459 13.14 -27.27 0.14
C VAL A 459 11.85 -27.44 -0.67
N VAL A 460 10.93 -28.26 -0.19
CA VAL A 460 9.62 -28.55 -0.83
C VAL A 460 8.53 -28.24 0.19
N LEU A 461 7.71 -27.26 -0.15
CA LEU A 461 6.58 -26.82 0.68
C LEU A 461 5.33 -27.30 -0.01
N ASN A 462 4.41 -27.92 0.73
CA ASN A 462 3.07 -28.31 0.22
C ASN A 462 2.02 -27.54 1.01
N ARG A 463 1.43 -26.52 0.40
CA ARG A 463 0.36 -25.69 1.01
C ARG A 463 -1.02 -26.29 0.68
N SER A 464 -1.08 -27.40 -0.07
CA SER A 464 -2.34 -28.14 -0.36
C SER A 464 -2.58 -29.21 0.71
N SER A 465 -3.82 -29.75 0.69
CA SER A 465 -4.32 -30.89 1.50
C SER A 465 -3.85 -32.22 0.93
N LYS A 466 -3.39 -32.24 -0.34
CA LYS A 466 -3.12 -33.50 -1.09
C LYS A 466 -1.67 -33.90 -0.91
N ASP A 467 -1.46 -35.18 -0.58
CA ASP A 467 -0.14 -35.83 -0.64
C ASP A 467 0.29 -35.80 -2.11
N VAL A 468 1.56 -35.53 -2.37
CA VAL A 468 2.13 -35.52 -3.75
C VAL A 468 3.38 -36.38 -3.76
N PRO A 469 3.35 -37.60 -4.34
CA PRO A 469 4.57 -38.38 -4.51
C PRO A 469 5.40 -37.63 -5.56
N LEU A 470 6.73 -37.70 -5.47
CA LEU A 470 7.60 -37.06 -6.49
C LEU A 470 8.96 -37.72 -6.42
N THR A 471 9.78 -37.43 -7.42
CA THR A 471 11.19 -37.85 -7.50
C THR A 471 12.01 -36.60 -7.72
N ILE A 472 13.17 -36.54 -7.10
CA ILE A 472 14.18 -35.46 -7.33
C ILE A 472 15.33 -36.14 -8.06
N LYS A 473 15.65 -35.65 -9.26
CA LYS A 473 16.77 -36.17 -10.06
C LYS A 473 17.96 -35.22 -9.90
N ASP A 474 19.09 -35.76 -9.47
CA ASP A 474 20.39 -35.09 -9.51
C ASP A 474 21.09 -35.78 -10.68
N PRO A 475 21.13 -35.12 -11.87
CA PRO A 475 21.48 -35.79 -13.11
C PRO A 475 22.85 -36.49 -12.97
N ALA A 476 23.62 -36.14 -11.95
CA ALA A 476 24.99 -36.64 -11.74
C ALA A 476 25.05 -37.70 -10.63
N VAL A 477 24.13 -37.71 -9.66
CA VAL A 477 24.24 -38.58 -8.45
C VAL A 477 23.15 -39.68 -8.47
N GLY A 478 21.98 -39.39 -9.02
CA GLY A 478 20.84 -40.33 -9.03
C GLY A 478 19.56 -39.68 -8.58
N PHE A 479 18.62 -40.50 -8.10
CA PHE A 479 17.19 -40.17 -7.90
C PHE A 479 16.77 -40.34 -6.44
N LEU A 480 16.02 -39.36 -5.90
CA LEU A 480 15.41 -39.43 -4.56
C LEU A 480 13.94 -39.70 -4.77
N GLU A 481 13.48 -40.90 -4.36
CA GLU A 481 12.05 -41.25 -4.39
C GLU A 481 11.45 -40.74 -3.07
N THR A 482 10.45 -39.87 -3.09
CA THR A 482 9.91 -39.27 -1.84
C THR A 482 8.44 -38.98 -2.06
N ILE A 483 7.81 -38.33 -1.10
CA ILE A 483 6.39 -37.89 -1.17
C ILE A 483 6.30 -36.65 -0.31
N SER A 484 5.51 -35.68 -0.75
CA SER A 484 5.30 -34.39 -0.06
C SER A 484 3.91 -34.43 0.54
N PRO A 485 3.75 -34.75 1.85
CA PRO A 485 2.43 -34.82 2.42
C PRO A 485 1.74 -33.46 2.32
N GLY A 486 0.40 -33.44 2.32
CA GLY A 486 -0.40 -32.23 2.47
C GLY A 486 -0.01 -31.50 3.75
N TYR A 487 0.06 -30.17 3.73
CA TYR A 487 0.38 -29.31 4.91
C TYR A 487 1.68 -29.79 5.52
N SER A 488 2.74 -29.87 4.70
CA SER A 488 4.10 -30.28 5.10
C SER A 488 5.13 -29.32 4.52
N ILE A 489 6.34 -29.38 5.06
CA ILE A 489 7.56 -28.75 4.49
C ILE A 489 8.74 -29.69 4.77
N HIS A 490 9.51 -29.94 3.74
CA HIS A 490 10.70 -30.81 3.77
C HIS A 490 11.91 -30.01 3.36
N THR A 491 13.04 -30.33 3.95
CA THR A 491 14.36 -29.98 3.40
C THR A 491 15.07 -31.31 3.15
N TYR A 492 15.57 -31.49 1.93
CA TYR A 492 16.39 -32.64 1.50
C TYR A 492 17.82 -32.13 1.38
N LEU A 493 18.79 -32.91 1.85
CA LEU A 493 20.23 -32.61 1.68
C LEU A 493 20.94 -33.87 1.19
N TRP A 494 22.00 -33.68 0.43
CA TRP A 494 22.84 -34.81 -0.07
C TRP A 494 24.16 -34.28 -0.59
N ARG A 495 25.22 -35.03 -0.29
CA ARG A 495 26.54 -34.86 -0.94
C ARG A 495 26.41 -35.23 -2.42
N ARG A 496 27.14 -34.52 -3.26
CA ARG A 496 27.22 -34.82 -4.72
C ARG A 496 28.54 -35.53 -5.05
N GLN A 497 29.55 -35.45 -4.15
CA GLN A 497 30.87 -36.15 -4.23
C GLN A 497 31.30 -36.66 -2.84
N ALA B 1 -26.25 34.73 -3.49
CA ALA B 1 -27.51 34.89 -2.72
C ALA B 1 -27.23 34.62 -1.23
N ARG B 2 -27.51 33.41 -0.74
CA ARG B 2 -27.55 33.12 0.72
C ARG B 2 -26.18 32.65 1.18
N PRO B 3 -25.55 33.39 2.12
CA PRO B 3 -24.22 33.05 2.60
C PRO B 3 -24.28 31.84 3.56
N CYS B 4 -23.15 31.15 3.69
CA CYS B 4 -22.79 30.16 4.74
C CYS B 4 -23.25 30.66 6.12
N ILE B 5 -23.96 29.82 6.87
CA ILE B 5 -24.15 29.99 8.33
C ILE B 5 -23.04 29.18 8.97
N PRO B 6 -21.97 29.83 9.48
CA PRO B 6 -20.79 29.13 9.95
C PRO B 6 -21.00 28.51 11.33
N LYS B 7 -20.41 27.34 11.55
CA LYS B 7 -20.41 26.69 12.87
C LYS B 7 -19.07 25.99 13.08
N SER B 8 -18.44 26.22 14.23
CA SER B 8 -17.16 25.57 14.61
C SER B 8 -17.47 24.35 15.48
N PHE B 9 -16.75 23.26 15.24
CA PHE B 9 -16.74 22.08 16.14
C PHE B 9 -15.35 21.95 16.76
N GLY B 10 -14.55 23.02 16.70
CA GLY B 10 -13.24 23.07 17.37
C GLY B 10 -12.09 22.61 16.49
N TYR B 11 -12.31 22.39 15.19
CA TYR B 11 -11.25 22.03 14.23
C TYR B 11 -10.82 23.33 13.54
N SER B 12 -10.02 23.25 12.48
CA SER B 12 -9.25 24.40 11.94
C SER B 12 -10.15 25.40 11.20
N SER B 13 -11.35 24.99 10.78
CA SER B 13 -12.32 25.88 10.10
C SER B 13 -13.75 25.50 10.49
N VAL B 14 -14.72 26.15 9.84
CA VAL B 14 -16.18 26.00 10.13
C VAL B 14 -16.83 25.12 9.07
N VAL B 15 -17.94 24.50 9.46
CA VAL B 15 -18.92 23.92 8.51
C VAL B 15 -19.97 25.01 8.23
N CYS B 16 -20.70 24.86 7.12
CA CYS B 16 -21.91 25.64 6.79
C CYS B 16 -23.13 24.80 7.13
N VAL B 17 -24.00 25.37 7.96
CA VAL B 17 -25.19 24.71 8.54
C VAL B 17 -26.36 24.92 7.57
N CYS B 18 -27.01 23.81 7.23
CA CYS B 18 -28.25 23.79 6.41
C CYS B 18 -29.32 22.99 7.18
N ASN B 19 -30.58 23.39 7.03
CA ASN B 19 -31.75 22.70 7.63
C ASN B 19 -32.91 22.85 6.67
N ALA B 20 -34.15 22.63 7.12
CA ALA B 20 -35.32 22.55 6.23
C ALA B 20 -35.61 23.90 5.60
N THR B 21 -35.22 25.02 6.23
CA THR B 21 -35.67 26.39 5.85
C THR B 21 -34.51 27.25 5.31
N TYR B 22 -33.26 26.82 5.46
CA TYR B 22 -32.08 27.66 5.08
C TYR B 22 -30.93 26.77 4.61
N CYS B 23 -30.34 27.15 3.49
CA CYS B 23 -29.05 26.58 3.03
C CYS B 23 -28.36 27.62 2.16
N ASP B 24 -27.04 27.68 2.24
CA ASP B 24 -26.22 28.61 1.43
C ASP B 24 -26.33 28.22 -0.03
N SER B 25 -26.31 29.23 -0.89
CA SER B 25 -26.57 29.09 -2.34
C SER B 25 -25.84 30.20 -3.10
N PHE B 26 -25.76 30.00 -4.42
CA PHE B 26 -25.23 30.94 -5.43
C PHE B 26 -26.38 31.60 -6.19
N ASP B 27 -26.16 32.85 -6.61
CA ASP B 27 -26.95 33.49 -7.69
C ASP B 27 -26.55 32.80 -9.00
N PRO B 28 -27.38 32.88 -10.07
CA PRO B 28 -26.95 32.42 -11.40
C PRO B 28 -25.77 33.25 -11.90
N PRO B 29 -24.91 32.74 -12.82
CA PRO B 29 -23.80 33.53 -13.38
C PRO B 29 -24.27 34.81 -14.08
N THR B 30 -23.52 35.92 -13.91
CA THR B 30 -23.80 37.25 -14.52
C THR B 30 -22.98 37.42 -15.82
N PHE B 31 -21.97 36.57 -16.04
CA PHE B 31 -21.06 36.58 -17.24
C PHE B 31 -20.45 37.98 -17.40
N PRO B 32 -19.49 38.37 -16.53
CA PRO B 32 -18.88 39.69 -16.59
C PRO B 32 -18.24 40.06 -17.94
N ALA B 33 -18.18 41.36 -18.25
CA ALA B 33 -17.74 41.92 -19.54
C ALA B 33 -16.27 41.58 -19.80
N LEU B 34 -15.86 41.64 -21.07
CA LEU B 34 -14.44 41.54 -21.50
C LEU B 34 -13.61 42.60 -20.76
N GLY B 35 -12.45 42.21 -20.21
CA GLY B 35 -11.58 43.08 -19.38
C GLY B 35 -11.92 43.05 -17.90
N THR B 36 -12.86 42.19 -17.48
CA THR B 36 -13.25 41.97 -16.06
C THR B 36 -13.06 40.50 -15.72
N PHE B 37 -12.58 40.19 -14.53
CA PHE B 37 -12.44 38.79 -14.05
C PHE B 37 -13.35 38.59 -12.84
N SER B 38 -13.83 37.36 -12.65
CA SER B 38 -14.55 36.91 -11.45
C SER B 38 -13.57 36.09 -10.61
N ARG B 39 -13.63 36.26 -9.30
CA ARG B 39 -12.86 35.45 -8.30
C ARG B 39 -13.88 34.89 -7.33
N TYR B 40 -13.79 33.58 -7.09
CA TYR B 40 -14.49 32.88 -6.00
C TYR B 40 -13.42 32.48 -4.99
N GLU B 41 -13.60 32.87 -3.73
CA GLU B 41 -12.60 32.67 -2.68
C GLU B 41 -13.19 31.88 -1.52
N SER B 42 -12.46 30.88 -1.05
CA SER B 42 -12.73 30.14 0.20
C SER B 42 -11.48 30.23 1.07
N THR B 43 -11.66 30.54 2.34
CA THR B 43 -10.56 30.67 3.30
C THR B 43 -10.83 29.83 4.53
N ARG B 44 -9.74 29.41 5.16
CA ARG B 44 -9.78 28.75 6.48
C ARG B 44 -10.49 29.71 7.46
N SER B 45 -10.33 31.02 7.30
CA SER B 45 -10.89 32.02 8.23
C SER B 45 -12.42 32.09 8.09
N GLY B 46 -13.02 31.51 7.03
CA GLY B 46 -14.48 31.29 6.97
C GLY B 46 -15.16 31.75 5.68
N ARG B 47 -14.42 32.33 4.73
N ARG B 47 -14.43 32.35 4.73
CA ARG B 47 -14.98 32.72 3.41
CA ARG B 47 -15.01 32.74 3.42
C ARG B 47 -15.37 31.43 2.68
C ARG B 47 -15.37 31.43 2.69
N ARG B 48 -16.54 31.42 2.04
CA ARG B 48 -17.06 30.22 1.36
C ARG B 48 -17.51 30.63 -0.04
N MET B 49 -16.64 30.39 -1.03
CA MET B 49 -16.90 30.61 -2.48
C MET B 49 -17.54 32.00 -2.68
N GLU B 50 -16.98 32.98 -1.98
CA GLU B 50 -17.39 34.40 -2.07
C GLU B 50 -16.96 34.96 -3.40
N LEU B 51 -17.86 35.70 -4.05
CA LEU B 51 -17.66 36.27 -5.39
C LEU B 51 -17.15 37.72 -5.28
N SER B 52 -16.02 37.99 -5.93
CA SER B 52 -15.50 39.37 -6.10
C SER B 52 -15.13 39.53 -7.57
N MET B 53 -14.90 40.77 -7.98
CA MET B 53 -14.50 41.06 -9.37
C MET B 53 -13.38 42.10 -9.39
N GLY B 54 -12.65 42.10 -10.49
CA GLY B 54 -11.50 42.99 -10.66
C GLY B 54 -11.28 43.27 -12.14
N PRO B 55 -10.44 44.27 -12.44
CA PRO B 55 -10.11 44.60 -13.82
C PRO B 55 -8.94 43.71 -14.27
N ILE B 56 -8.90 43.47 -15.57
CA ILE B 56 -7.72 42.93 -16.26
C ILE B 56 -7.04 44.08 -16.99
N GLN B 57 -5.77 44.34 -16.69
CA GLN B 57 -5.03 45.49 -17.32
C GLN B 57 -4.21 44.99 -18.50
N ALA B 58 -3.87 45.94 -19.38
CA ALA B 58 -3.07 45.72 -20.60
C ALA B 58 -1.63 45.43 -20.21
N ASN B 59 -1.14 45.96 -19.09
CA ASN B 59 0.32 45.87 -18.77
C ASN B 59 0.50 45.43 -17.31
N HIS B 60 1.71 44.99 -17.01
CA HIS B 60 2.19 44.58 -15.67
C HIS B 60 3.69 44.86 -15.57
N THR B 61 4.14 45.28 -14.41
CA THR B 61 5.57 45.37 -14.04
C THR B 61 5.74 44.85 -12.62
N GLY B 62 6.83 44.14 -12.38
CA GLY B 62 7.27 43.74 -11.03
C GLY B 62 8.05 42.45 -11.10
N THR B 63 8.57 41.97 -9.97
CA THR B 63 9.40 40.75 -9.89
C THR B 63 8.67 39.65 -9.10
N GLY B 64 7.38 39.84 -8.79
CA GLY B 64 6.55 38.87 -8.05
C GLY B 64 6.14 37.69 -8.93
N LEU B 65 5.51 36.69 -8.36
CA LEU B 65 5.12 35.46 -9.09
C LEU B 65 4.21 35.84 -10.27
N LEU B 66 4.55 35.39 -11.47
CA LEU B 66 3.68 35.48 -12.66
C LEU B 66 3.28 34.07 -13.12
N LEU B 67 1.98 33.85 -13.31
CA LEU B 67 1.39 32.62 -13.91
C LEU B 67 0.85 33.00 -15.28
N THR B 68 1.41 32.39 -16.32
CA THR B 68 1.10 32.69 -17.74
C THR B 68 0.37 31.49 -18.32
N LEU B 69 -0.88 31.70 -18.71
CA LEU B 69 -1.70 30.76 -19.51
C LEU B 69 -1.02 30.55 -20.86
N GLN B 70 -0.93 29.29 -21.30
CA GLN B 70 -0.52 28.93 -22.70
C GLN B 70 -1.69 28.23 -23.36
N PRO B 71 -2.66 28.99 -23.91
CA PRO B 71 -3.92 28.42 -24.42
C PRO B 71 -3.73 27.56 -25.68
N GLU B 72 -2.59 27.72 -26.36
CA GLU B 72 -2.16 26.89 -27.53
C GLU B 72 -1.64 25.52 -27.06
N GLN B 73 -1.26 25.38 -25.78
CA GLN B 73 -0.87 24.08 -25.17
C GLN B 73 -2.12 23.38 -24.62
N LYS B 74 -2.67 22.42 -25.37
CA LYS B 74 -3.93 21.68 -25.07
C LYS B 74 -3.63 20.29 -24.50
N PHE B 75 -4.29 19.89 -23.43
CA PHE B 75 -4.13 18.53 -22.83
C PHE B 75 -5.51 17.86 -22.83
N GLN B 76 -5.88 17.18 -21.75
CA GLN B 76 -7.08 16.29 -21.71
C GLN B 76 -8.38 17.10 -21.69
N LYS B 77 -9.47 16.51 -22.16
CA LYS B 77 -10.82 17.08 -21.96
C LYS B 77 -11.41 16.47 -20.69
N VAL B 78 -12.18 17.28 -19.97
CA VAL B 78 -12.70 16.91 -18.63
C VAL B 78 -14.00 16.15 -18.87
N LYS B 79 -14.18 15.04 -18.17
CA LYS B 79 -15.46 14.28 -18.15
C LYS B 79 -16.36 14.88 -17.09
N GLY B 80 -15.84 15.03 -15.88
CA GLY B 80 -16.51 15.82 -14.83
C GLY B 80 -16.15 15.39 -13.42
N PHE B 81 -17.04 15.73 -12.47
CA PHE B 81 -16.81 15.59 -11.00
C PHE B 81 -18.10 15.12 -10.34
N GLY B 82 -17.98 14.37 -9.24
CA GLY B 82 -19.15 13.96 -8.47
C GLY B 82 -18.78 13.09 -7.28
N GLY B 83 -19.65 12.15 -6.94
CA GLY B 83 -19.52 11.35 -5.71
C GLY B 83 -20.40 10.12 -5.80
N ALA B 84 -20.49 9.33 -4.73
CA ALA B 84 -21.05 7.97 -4.76
C ALA B 84 -22.37 7.92 -4.01
N MET B 85 -23.40 7.40 -4.70
CA MET B 85 -24.70 7.08 -4.08
C MET B 85 -24.63 5.65 -3.51
N THR B 86 -23.96 5.52 -2.38
CA THR B 86 -23.91 4.29 -1.57
C THR B 86 -25.23 4.16 -0.82
N ASP B 87 -25.54 2.97 -0.33
CA ASP B 87 -26.66 2.69 0.62
C ASP B 87 -26.59 3.71 1.78
N ALA B 88 -25.39 3.93 2.30
CA ALA B 88 -25.16 4.80 3.47
C ALA B 88 -25.46 6.24 3.08
N ALA B 89 -24.97 6.70 1.92
CA ALA B 89 -25.26 8.05 1.42
C ALA B 89 -26.80 8.21 1.29
N ALA B 90 -27.48 7.25 0.68
CA ALA B 90 -28.94 7.34 0.46
C ALA B 90 -29.69 7.36 1.80
N LEU B 91 -29.30 6.54 2.76
CA LEU B 91 -29.97 6.49 4.07
C LEU B 91 -29.81 7.83 4.79
N ASN B 92 -28.63 8.44 4.69
CA ASN B 92 -28.35 9.75 5.35
C ASN B 92 -29.21 10.83 4.71
N ILE B 93 -29.26 10.91 3.38
CA ILE B 93 -30.06 11.95 2.69
C ILE B 93 -31.54 11.78 3.04
N LEU B 94 -32.04 10.55 3.02
CA LEU B 94 -33.49 10.30 3.22
C LEU B 94 -33.83 10.42 4.72
N ALA B 95 -32.83 10.56 5.58
CA ALA B 95 -33.06 10.78 7.02
C ALA B 95 -33.48 12.23 7.30
N LEU B 96 -33.24 13.14 6.35
CA LEU B 96 -33.70 14.56 6.41
C LEU B 96 -35.17 14.63 6.01
N SER B 97 -35.87 15.69 6.45
CA SER B 97 -37.22 16.07 5.95
C SER B 97 -37.08 16.43 4.47
N PRO B 98 -38.13 16.22 3.64
CA PRO B 98 -38.01 16.46 2.20
C PRO B 98 -37.40 17.80 1.81
N PRO B 99 -37.70 18.93 2.48
CA PRO B 99 -37.17 20.21 2.02
C PRO B 99 -35.66 20.26 2.24
N ALA B 100 -35.19 19.65 3.33
CA ALA B 100 -33.77 19.57 3.71
C ALA B 100 -33.06 18.66 2.71
N GLN B 101 -33.66 17.52 2.36
CA GLN B 101 -33.18 16.59 1.32
C GLN B 101 -32.92 17.39 0.04
N ASN B 102 -33.91 18.17 -0.39
CA ASN B 102 -33.84 18.91 -1.68
C ASN B 102 -32.77 20.00 -1.59
N LEU B 103 -32.55 20.60 -0.42
CA LEU B 103 -31.47 21.62 -0.27
C LEU B 103 -30.12 20.89 -0.35
N LEU B 104 -30.02 19.67 0.20
CA LEU B 104 -28.77 18.88 0.08
C LEU B 104 -28.52 18.52 -1.39
N LEU B 105 -29.54 18.02 -2.09
CA LEU B 105 -29.38 17.60 -3.51
C LEU B 105 -29.04 18.83 -4.36
N LYS B 106 -29.68 19.97 -4.10
CA LYS B 106 -29.39 21.20 -4.89
C LYS B 106 -27.98 21.68 -4.58
N SER B 107 -27.52 21.54 -3.34
CA SER B 107 -26.12 21.90 -2.96
C SER B 107 -25.17 21.18 -3.93
N TYR B 108 -25.36 19.89 -4.17
CA TYR B 108 -24.45 19.11 -5.06
C TYR B 108 -24.76 19.31 -6.55
N PHE B 109 -26.02 19.26 -6.96
CA PHE B 109 -26.36 19.01 -8.39
C PHE B 109 -26.83 20.28 -9.11
N SER B 110 -27.39 21.27 -8.42
CA SER B 110 -28.02 22.43 -9.11
C SER B 110 -26.97 23.49 -9.43
N GLU B 111 -27.35 24.42 -10.31
CA GLU B 111 -26.56 25.64 -10.62
C GLU B 111 -26.54 26.57 -9.40
N GLU B 112 -27.45 26.44 -8.44
CA GLU B 112 -27.40 27.19 -7.15
C GLU B 112 -26.43 26.50 -6.19
N GLY B 113 -25.96 25.30 -6.55
CA GLY B 113 -24.92 24.54 -5.81
C GLY B 113 -23.66 24.41 -6.64
N ILE B 114 -23.03 23.23 -6.64
CA ILE B 114 -21.67 23.11 -7.25
C ILE B 114 -21.68 22.21 -8.50
N GLY B 115 -22.84 21.96 -9.13
CA GLY B 115 -22.95 21.42 -10.51
C GLY B 115 -22.29 20.06 -10.74
N TYR B 116 -22.30 19.13 -9.78
CA TYR B 116 -21.89 17.70 -9.96
C TYR B 116 -22.51 17.11 -11.23
N ASN B 117 -21.72 16.36 -11.98
CA ASN B 117 -22.25 15.69 -13.19
C ASN B 117 -21.87 14.19 -13.22
N ILE B 118 -21.43 13.63 -12.09
CA ILE B 118 -21.05 12.18 -12.01
C ILE B 118 -21.64 11.61 -10.73
N ILE B 119 -22.27 10.43 -10.84
CA ILE B 119 -22.70 9.62 -9.68
C ILE B 119 -22.17 8.20 -9.87
N ARG B 120 -21.38 7.76 -8.89
CA ARG B 120 -20.89 6.37 -8.80
C ARG B 120 -21.93 5.57 -8.04
N VAL B 121 -22.34 4.47 -8.63
CA VAL B 121 -23.38 3.56 -8.10
C VAL B 121 -22.73 2.21 -7.83
N PRO B 122 -22.64 1.75 -6.56
CA PRO B 122 -22.22 0.38 -6.32
C PRO B 122 -23.29 -0.58 -6.87
N MET B 123 -22.79 -1.65 -7.46
CA MET B 123 -23.58 -2.81 -7.92
C MET B 123 -23.73 -3.71 -6.69
N ALA B 124 -24.83 -3.50 -5.97
CA ALA B 124 -25.21 -4.22 -4.72
C ALA B 124 -24.33 -3.74 -3.55
N SER B 125 -24.08 -4.58 -2.55
CA SER B 125 -23.53 -4.10 -1.25
C SER B 125 -22.01 -3.86 -1.30
N CYS B 126 -21.55 -2.96 -0.44
CA CYS B 126 -20.13 -2.68 -0.10
C CYS B 126 -20.05 -2.44 1.42
N ASP B 127 -18.96 -1.87 1.91
CA ASP B 127 -18.79 -1.62 3.37
C ASP B 127 -19.83 -0.56 3.79
N PHE B 128 -20.12 0.42 2.92
CA PHE B 128 -21.11 1.51 3.18
C PHE B 128 -22.50 1.01 2.81
N SER B 129 -22.83 -0.17 3.35
CA SER B 129 -24.17 -0.81 3.33
C SER B 129 -24.44 -1.32 4.74
N ILE B 130 -25.71 -1.51 5.11
CA ILE B 130 -26.03 -2.06 6.47
C ILE B 130 -26.37 -3.55 6.35
N ARG B 131 -26.62 -4.01 5.13
CA ARG B 131 -27.03 -5.40 4.83
C ARG B 131 -25.97 -5.94 3.86
N THR B 132 -25.56 -7.21 3.96
CA THR B 132 -24.75 -7.84 2.90
C THR B 132 -25.67 -8.59 1.95
N TYR B 133 -25.44 -8.44 0.65
CA TYR B 133 -26.37 -8.90 -0.41
C TYR B 133 -25.68 -8.68 -1.74
N THR B 134 -25.98 -9.54 -2.70
CA THR B 134 -25.80 -9.26 -4.14
C THR B 134 -27.16 -9.33 -4.82
N TYR B 135 -27.19 -9.14 -6.14
CA TYR B 135 -28.44 -9.18 -6.94
C TYR B 135 -28.84 -10.62 -7.27
N ALA B 136 -28.03 -11.63 -6.97
CA ALA B 136 -28.30 -13.05 -7.34
C ALA B 136 -27.74 -13.98 -6.25
N ASP B 137 -28.29 -13.91 -5.04
CA ASP B 137 -27.81 -14.72 -3.89
C ASP B 137 -28.33 -16.17 -3.99
N THR B 138 -29.32 -16.48 -4.83
CA THR B 138 -29.83 -17.88 -4.95
C THR B 138 -28.76 -18.71 -5.62
N PRO B 139 -28.22 -19.75 -4.94
CA PRO B 139 -27.01 -20.42 -5.41
C PRO B 139 -27.19 -21.17 -6.75
N ASP B 140 -26.11 -21.25 -7.52
CA ASP B 140 -25.96 -22.03 -8.78
C ASP B 140 -27.01 -21.60 -9.81
N ASP B 141 -27.44 -20.34 -9.77
CA ASP B 141 -28.41 -19.76 -10.74
C ASP B 141 -27.62 -19.22 -11.94
N PHE B 142 -26.99 -20.11 -12.71
CA PHE B 142 -25.99 -19.77 -13.74
C PHE B 142 -26.64 -18.92 -14.83
N GLN B 143 -27.93 -19.08 -15.15
CA GLN B 143 -28.58 -18.23 -16.20
C GLN B 143 -29.18 -16.99 -15.54
N LEU B 144 -29.04 -16.87 -14.21
CA LEU B 144 -29.41 -15.65 -13.42
C LEU B 144 -30.88 -15.35 -13.65
N HIS B 145 -31.72 -16.39 -13.55
CA HIS B 145 -33.21 -16.28 -13.57
C HIS B 145 -33.66 -15.53 -12.32
N ASN B 146 -32.90 -15.62 -11.22
CA ASN B 146 -33.30 -15.07 -9.91
C ASN B 146 -32.63 -13.72 -9.66
N PHE B 147 -31.92 -13.16 -10.65
CA PHE B 147 -31.27 -11.83 -10.52
C PHE B 147 -32.39 -10.81 -10.24
N SER B 148 -32.28 -10.00 -9.18
CA SER B 148 -33.22 -8.87 -8.98
C SER B 148 -32.60 -7.74 -8.17
N LEU B 149 -33.12 -6.54 -8.40
CA LEU B 149 -32.81 -5.34 -7.59
C LEU B 149 -33.63 -5.40 -6.32
N PRO B 150 -32.99 -5.29 -5.15
CA PRO B 150 -33.74 -5.14 -3.91
C PRO B 150 -34.08 -3.66 -3.64
N GLU B 151 -34.74 -3.40 -2.52
CA GLU B 151 -35.25 -2.07 -2.14
C GLU B 151 -34.10 -1.08 -1.97
N GLU B 152 -32.89 -1.54 -1.65
CA GLU B 152 -31.72 -0.62 -1.53
C GLU B 152 -31.60 0.12 -2.85
N ASP B 153 -31.86 -0.55 -3.97
CA ASP B 153 -31.88 0.11 -5.30
C ASP B 153 -33.27 0.69 -5.56
N THR B 154 -34.34 -0.10 -5.45
CA THR B 154 -35.63 0.31 -6.07
C THR B 154 -36.34 1.37 -5.25
N LYS B 155 -36.15 1.40 -3.93
CA LYS B 155 -36.79 2.38 -3.01
C LYS B 155 -35.83 3.52 -2.64
N LEU B 156 -34.52 3.26 -2.48
CA LEU B 156 -33.53 4.26 -1.95
C LEU B 156 -32.65 4.83 -3.07
N LYS B 157 -31.82 4.02 -3.75
CA LYS B 157 -30.81 4.61 -4.68
C LYS B 157 -31.45 5.20 -5.94
N ILE B 158 -32.28 4.43 -6.64
CA ILE B 158 -32.83 4.81 -7.96
C ILE B 158 -33.69 6.08 -7.83
N PRO B 159 -34.62 6.18 -6.86
CA PRO B 159 -35.40 7.40 -6.74
C PRO B 159 -34.55 8.65 -6.43
N LEU B 160 -33.53 8.53 -5.57
CA LEU B 160 -32.59 9.64 -5.30
C LEU B 160 -31.87 10.04 -6.57
N ILE B 161 -31.39 9.07 -7.37
CA ILE B 161 -30.64 9.38 -8.62
C ILE B 161 -31.58 10.13 -9.57
N HIS B 162 -32.85 9.70 -9.68
CA HIS B 162 -33.86 10.42 -10.50
C HIS B 162 -34.01 11.88 -10.00
N ARG B 163 -34.09 12.07 -8.68
CA ARG B 163 -34.28 13.42 -8.07
C ARG B 163 -33.03 14.27 -8.36
N ALA B 164 -31.84 13.71 -8.21
CA ALA B 164 -30.59 14.43 -8.50
C ALA B 164 -30.51 14.81 -9.99
N LEU B 165 -30.82 13.88 -10.92
CA LEU B 165 -30.75 14.16 -12.37
C LEU B 165 -31.74 15.28 -12.71
N GLN B 166 -32.91 15.31 -12.08
CA GLN B 166 -33.97 16.32 -12.41
C GLN B 166 -33.47 17.72 -11.97
N LEU B 167 -32.82 17.81 -10.81
CA LEU B 167 -32.31 19.09 -10.23
C LEU B 167 -31.09 19.59 -10.99
N ALA B 168 -30.35 18.69 -11.67
CA ALA B 168 -29.13 19.08 -12.43
C ALA B 168 -29.54 19.67 -13.79
N GLN B 169 -28.92 20.77 -14.18
CA GLN B 169 -29.05 21.40 -15.53
C GLN B 169 -27.97 20.83 -16.48
N ARG B 170 -26.89 20.23 -15.95
CA ARG B 170 -25.88 19.51 -16.78
C ARG B 170 -26.24 18.03 -16.86
N PRO B 171 -26.03 17.39 -18.03
CA PRO B 171 -26.18 15.93 -18.14
C PRO B 171 -25.30 15.25 -17.09
N VAL B 172 -25.86 14.31 -16.35
CA VAL B 172 -25.17 13.53 -15.29
C VAL B 172 -24.82 12.17 -15.87
N SER B 173 -23.56 11.76 -15.71
CA SER B 173 -23.01 10.43 -16.09
C SER B 173 -23.01 9.52 -14.87
N LEU B 174 -23.66 8.35 -14.96
CA LEU B 174 -23.64 7.31 -13.91
C LEU B 174 -22.47 6.35 -14.20
N LEU B 175 -21.79 5.94 -13.13
CA LEU B 175 -20.64 5.00 -13.17
C LEU B 175 -21.00 3.86 -12.23
N ALA B 176 -20.99 2.61 -12.71
CA ALA B 176 -21.28 1.42 -11.88
C ALA B 176 -19.98 0.69 -11.56
N SER B 177 -19.87 0.17 -10.34
CA SER B 177 -18.72 -0.63 -9.85
C SER B 177 -19.25 -1.72 -8.94
N PRO B 178 -18.86 -2.99 -9.13
CA PRO B 178 -19.19 -4.06 -8.20
C PRO B 178 -18.07 -4.24 -7.17
N TRP B 179 -18.40 -4.62 -5.94
CA TRP B 179 -17.43 -4.97 -4.87
C TRP B 179 -17.27 -6.50 -4.87
N THR B 180 -18.36 -7.25 -4.77
CA THR B 180 -18.33 -8.72 -4.80
C THR B 180 -19.35 -9.28 -5.76
N SER B 181 -19.03 -10.42 -6.33
CA SER B 181 -20.01 -11.31 -6.98
C SER B 181 -20.75 -12.12 -5.92
N PRO B 182 -21.89 -12.76 -6.28
CA PRO B 182 -22.46 -13.81 -5.44
C PRO B 182 -21.39 -14.80 -4.96
N THR B 183 -21.52 -15.27 -3.72
CA THR B 183 -20.53 -16.16 -3.04
C THR B 183 -20.37 -17.48 -3.82
N TRP B 184 -21.39 -17.98 -4.49
CA TRP B 184 -21.34 -19.29 -5.20
C TRP B 184 -20.56 -19.18 -6.53
N LEU B 185 -20.13 -17.97 -6.92
CA LEU B 185 -19.19 -17.79 -8.07
C LEU B 185 -17.74 -17.65 -7.57
N LYS B 186 -17.49 -17.72 -6.26
CA LYS B 186 -16.16 -17.36 -5.67
C LYS B 186 -15.48 -18.59 -5.05
N THR B 187 -14.16 -18.63 -5.13
CA THR B 187 -13.28 -19.73 -4.64
C THR B 187 -13.50 -19.89 -3.13
N ASN B 188 -13.82 -18.82 -2.40
CA ASN B 188 -13.84 -18.80 -0.91
C ASN B 188 -15.27 -18.86 -0.35
N GLY B 189 -16.29 -18.75 -1.19
CA GLY B 189 -17.71 -18.75 -0.77
C GLY B 189 -18.03 -17.72 0.29
N ALA B 190 -17.35 -16.56 0.32
CA ALA B 190 -17.69 -15.42 1.23
C ALA B 190 -17.66 -14.10 0.47
N VAL B 191 -18.36 -13.08 0.94
CA VAL B 191 -18.40 -11.77 0.21
C VAL B 191 -17.05 -11.07 0.38
N ASN B 192 -16.30 -11.38 1.45
CA ASN B 192 -15.03 -10.69 1.83
C ASN B 192 -13.90 -11.72 1.88
N GLY B 193 -12.72 -11.33 2.39
CA GLY B 193 -11.52 -12.19 2.45
C GLY B 193 -10.90 -12.40 1.09
N LYS B 194 -9.86 -13.23 1.04
CA LYS B 194 -9.10 -13.53 -0.20
C LYS B 194 -9.91 -14.49 -1.05
N GLY B 195 -10.23 -14.12 -2.28
CA GLY B 195 -11.05 -14.99 -3.16
C GLY B 195 -11.37 -14.31 -4.46
N SER B 196 -11.36 -15.11 -5.54
CA SER B 196 -11.56 -14.68 -6.93
C SER B 196 -12.76 -15.44 -7.46
N LEU B 197 -13.17 -15.14 -8.68
CA LEU B 197 -14.08 -16.02 -9.44
C LEU B 197 -13.49 -17.44 -9.48
N LYS B 198 -14.34 -18.46 -9.37
CA LYS B 198 -13.94 -19.87 -9.62
C LYS B 198 -13.52 -20.00 -11.09
N GLY B 199 -12.61 -20.95 -11.34
CA GLY B 199 -12.23 -21.40 -12.69
C GLY B 199 -11.36 -20.37 -13.39
N GLN B 200 -11.57 -20.18 -14.69
CA GLN B 200 -10.73 -19.25 -15.48
C GLN B 200 -11.62 -18.48 -16.46
N PRO B 201 -11.18 -17.27 -16.90
CA PRO B 201 -11.87 -16.55 -17.95
C PRO B 201 -12.22 -17.47 -19.10
N GLY B 202 -13.40 -17.24 -19.66
CA GLY B 202 -13.96 -18.02 -20.77
C GLY B 202 -14.89 -19.13 -20.28
N ASP B 203 -14.95 -19.40 -18.97
CA ASP B 203 -15.70 -20.57 -18.43
C ASP B 203 -17.08 -20.14 -17.91
N ILE B 204 -17.86 -21.08 -17.37
CA ILE B 204 -19.27 -20.83 -17.02
C ILE B 204 -19.32 -19.76 -15.92
N TYR B 205 -18.37 -19.78 -15.01
CA TYR B 205 -18.39 -18.82 -13.87
C TYR B 205 -18.20 -17.41 -14.40
N HIS B 206 -17.27 -17.24 -15.32
CA HIS B 206 -16.85 -15.92 -15.85
C HIS B 206 -17.94 -15.41 -16.78
N GLN B 207 -18.56 -16.31 -17.54
CA GLN B 207 -19.68 -15.96 -18.45
C GLN B 207 -20.86 -15.48 -17.60
N THR B 208 -21.17 -16.17 -16.53
CA THR B 208 -22.23 -15.79 -15.59
C THR B 208 -21.93 -14.40 -15.02
N TRP B 209 -20.69 -14.18 -14.61
CA TRP B 209 -20.30 -12.90 -13.97
C TRP B 209 -20.39 -11.77 -15.00
N ALA B 210 -19.90 -11.94 -16.23
CA ALA B 210 -20.12 -10.94 -17.30
C ALA B 210 -21.63 -10.71 -17.49
N ARG B 211 -22.45 -11.77 -17.46
CA ARG B 211 -23.90 -11.60 -17.74
C ARG B 211 -24.54 -10.74 -16.65
N TYR B 212 -24.08 -10.90 -15.41
CA TYR B 212 -24.56 -10.14 -14.23
C TYR B 212 -24.49 -8.65 -14.53
N PHE B 213 -23.41 -8.21 -15.19
CA PHE B 213 -23.23 -6.78 -15.55
C PHE B 213 -24.41 -6.38 -16.46
N VAL B 214 -24.71 -7.21 -17.45
CA VAL B 214 -25.80 -6.90 -18.41
C VAL B 214 -27.13 -6.95 -17.63
N LYS B 215 -27.33 -7.91 -16.74
CA LYS B 215 -28.59 -8.01 -15.93
C LYS B 215 -28.74 -6.73 -15.10
N PHE B 216 -27.64 -6.24 -14.53
CA PHE B 216 -27.62 -4.98 -13.73
C PHE B 216 -28.07 -3.80 -14.61
N LEU B 217 -27.39 -3.59 -15.74
CA LEU B 217 -27.73 -2.49 -16.68
C LEU B 217 -29.17 -2.64 -17.21
N ASP B 218 -29.63 -3.88 -17.42
CA ASP B 218 -31.02 -4.14 -17.88
C ASP B 218 -31.97 -3.65 -16.82
N ALA B 219 -31.74 -4.02 -15.56
CA ALA B 219 -32.62 -3.68 -14.42
C ALA B 219 -32.68 -2.17 -14.24
N TYR B 220 -31.54 -1.48 -14.21
CA TYR B 220 -31.51 -0.01 -14.08
C TYR B 220 -32.21 0.62 -15.30
N ALA B 221 -32.05 0.09 -16.52
CA ALA B 221 -32.74 0.60 -17.73
C ALA B 221 -34.26 0.42 -17.57
N GLU B 222 -34.73 -0.61 -16.86
CA GLU B 222 -36.18 -0.79 -16.54
C GLU B 222 -36.68 0.38 -15.69
N HIS B 223 -35.78 1.08 -14.99
CA HIS B 223 -36.10 2.30 -14.22
C HIS B 223 -35.67 3.56 -14.97
N LYS B 224 -35.37 3.45 -16.26
CA LYS B 224 -35.03 4.57 -17.18
C LYS B 224 -33.76 5.30 -16.69
N LEU B 225 -32.84 4.53 -16.11
CA LEU B 225 -31.47 4.99 -15.82
C LEU B 225 -30.52 4.25 -16.76
N GLN B 226 -29.72 5.05 -17.48
N GLN B 226 -29.70 5.02 -17.48
CA GLN B 226 -28.64 4.61 -18.40
CA GLN B 226 -28.67 4.52 -18.41
C GLN B 226 -27.30 4.93 -17.73
C GLN B 226 -27.29 4.97 -17.87
N PHE B 227 -26.28 4.10 -17.95
CA PHE B 227 -24.91 4.33 -17.43
C PHE B 227 -24.00 4.86 -18.55
N TRP B 228 -23.07 5.73 -18.16
CA TRP B 228 -21.95 6.20 -19.00
C TRP B 228 -20.86 5.12 -19.04
N ALA B 229 -20.60 4.49 -17.90
CA ALA B 229 -19.44 3.58 -17.72
C ALA B 229 -19.70 2.58 -16.61
N VAL B 230 -18.98 1.47 -16.66
CA VAL B 230 -18.83 0.49 -15.56
C VAL B 230 -17.34 0.31 -15.37
N THR B 231 -16.92 -0.01 -14.15
CA THR B 231 -15.55 -0.50 -13.88
C THR B 231 -15.59 -2.03 -13.85
N ALA B 232 -14.45 -2.68 -14.14
CA ALA B 232 -14.31 -4.14 -14.30
C ALA B 232 -14.40 -4.83 -12.95
N GLU B 233 -14.20 -4.05 -11.87
CA GLU B 233 -14.25 -4.48 -10.44
C GLU B 233 -13.80 -3.28 -9.60
N ASN B 234 -14.47 -3.02 -8.48
CA ASN B 234 -13.90 -2.12 -7.45
C ASN B 234 -12.67 -2.75 -6.78
N GLU B 235 -11.51 -2.07 -6.82
CA GLU B 235 -10.25 -2.51 -6.11
C GLU B 235 -10.04 -4.02 -6.21
N PRO B 236 -9.76 -4.52 -7.42
CA PRO B 236 -9.55 -5.95 -7.65
C PRO B 236 -8.40 -6.51 -6.80
N SER B 237 -7.40 -5.68 -6.48
CA SER B 237 -6.23 -6.07 -5.64
C SER B 237 -6.69 -6.49 -4.22
N ALA B 238 -7.82 -5.96 -3.71
CA ALA B 238 -8.28 -6.17 -2.32
C ALA B 238 -8.58 -7.67 -2.10
N GLY B 239 -9.19 -8.33 -3.10
CA GLY B 239 -9.53 -9.75 -3.02
C GLY B 239 -8.32 -10.65 -3.15
N LEU B 240 -7.11 -10.09 -3.32
CA LEU B 240 -5.81 -10.84 -3.26
C LEU B 240 -5.29 -10.85 -1.83
N LEU B 241 -5.97 -10.16 -0.89
CA LEU B 241 -5.44 -9.98 0.50
C LEU B 241 -6.21 -10.86 1.49
N SER B 242 -5.51 -11.73 2.22
CA SER B 242 -6.06 -12.58 3.31
C SER B 242 -6.86 -11.73 4.28
N GLY B 243 -8.08 -12.15 4.60
CA GLY B 243 -8.91 -11.49 5.63
C GLY B 243 -9.40 -10.10 5.22
N TYR B 244 -9.37 -9.73 3.93
CA TYR B 244 -9.87 -8.39 3.50
C TYR B 244 -11.26 -8.21 4.11
N PRO B 245 -11.50 -7.16 4.92
CA PRO B 245 -12.64 -7.17 5.84
C PRO B 245 -14.03 -6.98 5.22
N PHE B 246 -14.14 -6.49 3.98
CA PHE B 246 -15.49 -6.27 3.40
C PHE B 246 -15.49 -6.71 1.93
N GLN B 247 -16.60 -6.42 1.25
CA GLN B 247 -16.93 -7.05 -0.06
C GLN B 247 -15.79 -6.78 -1.05
N CYS B 248 -15.37 -7.81 -1.76
CA CYS B 248 -14.25 -7.74 -2.70
C CYS B 248 -14.32 -8.94 -3.64
N LEU B 249 -13.52 -8.93 -4.70
CA LEU B 249 -13.40 -10.00 -5.68
C LEU B 249 -12.02 -9.86 -6.32
N GLY B 250 -11.11 -10.77 -6.00
CA GLY B 250 -9.67 -10.66 -6.37
C GLY B 250 -9.48 -10.90 -7.86
N PHE B 251 -8.77 -10.00 -8.54
CA PHE B 251 -8.19 -10.21 -9.89
C PHE B 251 -6.72 -9.81 -9.83
N THR B 252 -5.82 -10.66 -10.35
CA THR B 252 -4.49 -10.20 -10.81
C THR B 252 -4.75 -9.37 -12.06
N PRO B 253 -3.79 -8.55 -12.55
CA PRO B 253 -3.96 -7.84 -13.80
C PRO B 253 -4.13 -8.82 -14.99
N GLU B 254 -3.49 -9.99 -14.94
CA GLU B 254 -3.66 -11.05 -15.98
C GLU B 254 -5.13 -11.54 -15.98
N HIS B 255 -5.68 -11.75 -14.81
CA HIS B 255 -7.05 -12.28 -14.66
C HIS B 255 -8.00 -11.21 -15.18
N GLN B 256 -7.74 -9.94 -14.83
CA GLN B 256 -8.56 -8.83 -15.36
C GLN B 256 -8.41 -8.80 -16.87
N ARG B 257 -7.19 -8.89 -17.40
CA ARG B 257 -6.95 -8.82 -18.88
C ARG B 257 -7.80 -9.87 -19.59
N ASP B 258 -7.79 -11.11 -19.10
CA ASP B 258 -8.43 -12.28 -19.79
C ASP B 258 -9.94 -12.28 -19.57
N PHE B 259 -10.41 -11.84 -18.40
CA PHE B 259 -11.85 -11.65 -18.11
C PHE B 259 -12.46 -10.63 -19.07
N ILE B 260 -11.79 -9.47 -19.21
CA ILE B 260 -12.24 -8.41 -20.14
C ILE B 260 -12.24 -8.97 -21.57
N ALA B 261 -11.15 -9.60 -22.01
CA ALA B 261 -10.98 -10.08 -23.41
C ALA B 261 -12.05 -11.14 -23.73
N ARG B 262 -12.27 -12.08 -22.82
CA ARG B 262 -13.04 -13.32 -23.13
C ARG B 262 -14.52 -13.16 -22.75
N ASP B 263 -14.81 -12.43 -21.68
CA ASP B 263 -16.17 -12.44 -21.06
C ASP B 263 -16.78 -11.02 -21.08
N LEU B 264 -16.26 -10.10 -20.27
CA LEU B 264 -16.98 -8.83 -20.00
C LEU B 264 -17.08 -7.98 -21.27
N GLY B 265 -16.00 -7.87 -22.04
CA GLY B 265 -16.00 -7.05 -23.27
C GLY B 265 -16.99 -7.58 -24.32
N PRO B 266 -16.78 -8.83 -24.77
CA PRO B 266 -17.72 -9.48 -25.69
C PRO B 266 -19.19 -9.43 -25.23
N THR B 267 -19.45 -9.70 -23.94
CA THR B 267 -20.83 -9.77 -23.38
C THR B 267 -21.45 -8.37 -23.38
N LEU B 268 -20.71 -7.33 -22.98
CA LEU B 268 -21.22 -5.93 -23.08
C LEU B 268 -21.39 -5.52 -24.55
N ALA B 269 -20.44 -5.86 -25.42
CA ALA B 269 -20.43 -5.44 -26.84
C ALA B 269 -21.63 -6.04 -27.59
N ASN B 270 -22.04 -7.25 -27.21
CA ASN B 270 -23.14 -8.04 -27.83
C ASN B 270 -24.46 -7.78 -27.09
N SER B 271 -24.60 -6.63 -26.43
CA SER B 271 -25.80 -6.29 -25.64
C SER B 271 -26.34 -4.95 -26.13
N THR B 272 -27.52 -4.56 -25.66
CA THR B 272 -28.11 -3.21 -25.89
C THR B 272 -27.27 -2.15 -25.16
N HIS B 273 -26.37 -2.56 -24.26
CA HIS B 273 -25.49 -1.65 -23.47
C HIS B 273 -24.10 -1.48 -24.11
N HIS B 274 -23.96 -1.76 -25.40
CA HIS B 274 -22.69 -1.70 -26.15
C HIS B 274 -22.04 -0.31 -26.11
N ASN B 275 -22.79 0.78 -25.88
CA ASN B 275 -22.24 2.16 -25.75
C ASN B 275 -21.75 2.44 -24.32
N VAL B 276 -21.99 1.56 -23.36
CA VAL B 276 -21.47 1.77 -21.98
C VAL B 276 -19.95 1.58 -22.00
N ARG B 277 -19.21 2.56 -21.48
CA ARG B 277 -17.73 2.51 -21.46
C ARG B 277 -17.31 1.51 -20.38
N LEU B 278 -16.17 0.86 -20.59
CA LEU B 278 -15.54 -0.06 -19.62
C LEU B 278 -14.25 0.58 -19.13
N LEU B 279 -14.18 0.84 -17.83
CA LEU B 279 -12.97 1.36 -17.18
C LEU B 279 -12.27 0.19 -16.47
N MET B 280 -10.95 0.05 -16.64
CA MET B 280 -10.15 -0.99 -15.96
C MET B 280 -9.52 -0.42 -14.68
N LEU B 281 -8.92 -1.33 -13.90
CA LEU B 281 -8.15 -1.07 -12.66
C LEU B 281 -9.10 -0.70 -11.52
N ASP B 282 -9.56 0.55 -11.45
CA ASP B 282 -10.49 1.04 -10.39
C ASP B 282 -9.81 0.79 -9.03
N ASP B 283 -8.54 1.17 -8.94
CA ASP B 283 -7.65 0.76 -7.82
C ASP B 283 -6.52 1.79 -7.65
N GLN B 284 -5.61 1.56 -6.70
CA GLN B 284 -4.56 2.51 -6.31
C GLN B 284 -3.66 2.79 -7.53
N ARG B 285 -3.29 4.04 -7.76
CA ARG B 285 -2.51 4.41 -8.96
C ARG B 285 -1.09 3.84 -8.86
N LEU B 286 -0.60 3.43 -7.68
CA LEU B 286 0.70 2.70 -7.56
C LEU B 286 0.71 1.43 -8.44
N LEU B 287 -0.46 0.89 -8.83
CA LEU B 287 -0.55 -0.30 -9.70
C LEU B 287 -0.31 0.08 -11.15
N LEU B 288 -0.10 1.38 -11.44
CA LEU B 288 0.31 1.88 -12.77
C LEU B 288 1.81 2.19 -12.81
N PRO B 289 2.47 2.01 -13.97
CA PRO B 289 1.82 1.55 -15.22
C PRO B 289 1.67 0.04 -15.43
N HIS B 290 2.15 -0.79 -14.49
CA HIS B 290 2.14 -2.26 -14.67
C HIS B 290 0.77 -2.76 -15.16
N TRP B 291 -0.33 -2.41 -14.49
CA TRP B 291 -1.66 -2.96 -14.82
C TRP B 291 -2.08 -2.54 -16.22
N ALA B 292 -1.85 -1.27 -16.58
CA ALA B 292 -2.12 -0.74 -17.93
C ALA B 292 -1.34 -1.55 -18.96
N LYS B 293 -0.07 -1.84 -18.71
CA LYS B 293 0.75 -2.66 -19.64
C LYS B 293 0.18 -4.07 -19.77
N VAL B 294 -0.16 -4.71 -18.66
CA VAL B 294 -0.68 -6.10 -18.70
C VAL B 294 -1.94 -6.12 -19.54
N VAL B 295 -2.91 -5.24 -19.30
CA VAL B 295 -4.24 -5.33 -19.97
C VAL B 295 -4.12 -4.77 -21.39
N LEU B 296 -3.53 -3.57 -21.54
CA LEU B 296 -3.67 -2.83 -22.82
C LEU B 296 -2.67 -3.32 -23.87
N THR B 297 -1.74 -4.21 -23.54
CA THR B 297 -0.81 -4.76 -24.58
C THR B 297 -1.46 -5.98 -25.22
N ASP B 298 -2.51 -6.53 -24.62
CA ASP B 298 -3.34 -7.58 -25.25
C ASP B 298 -4.39 -6.89 -26.11
N PRO B 299 -4.29 -6.91 -27.46
CA PRO B 299 -5.25 -6.21 -28.32
C PRO B 299 -6.72 -6.63 -28.14
N GLU B 300 -6.96 -7.89 -27.77
CA GLU B 300 -8.32 -8.46 -27.55
C GLU B 300 -8.90 -7.97 -26.21
N ALA B 301 -8.07 -7.50 -25.26
CA ALA B 301 -8.54 -6.80 -24.04
C ALA B 301 -8.64 -5.31 -24.34
N ALA B 302 -7.57 -4.75 -24.90
CA ALA B 302 -7.44 -3.30 -25.18
C ALA B 302 -8.68 -2.80 -25.95
N LYS B 303 -9.20 -3.57 -26.92
CA LYS B 303 -10.29 -3.06 -27.80
C LYS B 303 -11.58 -2.78 -27.01
N TYR B 304 -11.73 -3.31 -25.80
CA TYR B 304 -12.94 -3.10 -24.96
C TYR B 304 -12.70 -2.05 -23.87
N VAL B 305 -11.46 -1.62 -23.63
CA VAL B 305 -11.13 -0.73 -22.48
C VAL B 305 -11.11 0.73 -22.95
N HIS B 306 -12.03 1.54 -22.41
CA HIS B 306 -12.18 3.00 -22.68
C HIS B 306 -11.20 3.80 -21.80
N GLY B 307 -11.03 3.38 -20.55
CA GLY B 307 -10.25 4.17 -19.60
C GLY B 307 -9.72 3.37 -18.45
N ILE B 308 -8.97 4.07 -17.60
CA ILE B 308 -8.29 3.53 -16.40
C ILE B 308 -8.78 4.36 -15.21
N ALA B 309 -9.43 3.71 -14.25
CA ALA B 309 -9.93 4.34 -13.02
C ALA B 309 -8.88 4.17 -11.93
N VAL B 310 -8.60 5.25 -11.20
CA VAL B 310 -7.63 5.28 -10.05
C VAL B 310 -8.32 5.75 -8.77
N HIS B 311 -7.84 5.22 -7.63
CA HIS B 311 -8.19 5.59 -6.25
C HIS B 311 -6.95 6.23 -5.59
N TRP B 312 -7.15 7.03 -4.54
CA TRP B 312 -6.08 7.94 -4.06
C TRP B 312 -5.34 7.46 -2.81
N TYR B 313 -5.67 6.29 -2.26
CA TYR B 313 -5.32 5.91 -0.86
C TYR B 313 -3.80 5.70 -0.71
N LEU B 314 -3.10 5.31 -1.76
CA LEU B 314 -1.61 5.13 -1.68
C LEU B 314 -0.90 6.19 -2.54
N ASP B 315 -1.50 7.37 -2.70
CA ASP B 315 -0.85 8.44 -3.50
C ASP B 315 0.48 8.83 -2.85
N PHE B 316 0.57 8.75 -1.52
CA PHE B 316 1.76 9.19 -0.77
C PHE B 316 3.02 8.47 -1.26
N LEU B 317 2.91 7.24 -1.77
CA LEU B 317 4.14 6.55 -2.24
C LEU B 317 4.14 6.33 -3.75
N ALA B 318 3.16 6.91 -4.47
CA ALA B 318 2.96 6.72 -5.91
C ALA B 318 3.02 8.09 -6.60
N PRO B 319 4.23 8.62 -6.86
CA PRO B 319 4.36 9.96 -7.43
C PRO B 319 3.62 10.01 -8.79
N ALA B 320 2.94 11.14 -9.07
CA ALA B 320 2.03 11.32 -10.21
C ALA B 320 2.77 11.01 -11.52
N LYS B 321 3.98 11.56 -11.66
CA LYS B 321 4.77 11.46 -12.92
C LYS B 321 5.04 9.98 -13.21
N ALA B 322 5.43 9.19 -12.21
CA ALA B 322 5.87 7.78 -12.42
C ALA B 322 4.66 6.86 -12.64
N THR B 323 3.44 7.31 -12.36
CA THR B 323 2.23 6.45 -12.43
C THR B 323 1.31 6.98 -13.53
N LEU B 324 0.62 8.08 -13.28
CA LEU B 324 -0.30 8.75 -14.23
C LEU B 324 0.51 9.23 -15.46
N GLY B 325 1.62 9.96 -15.26
CA GLY B 325 2.46 10.45 -16.37
C GLY B 325 2.91 9.32 -17.29
N GLU B 326 3.55 8.29 -16.73
CA GLU B 326 4.09 7.16 -17.52
C GLU B 326 2.94 6.44 -18.26
N THR B 327 1.80 6.23 -17.60
CA THR B 327 0.63 5.55 -18.20
C THR B 327 0.13 6.36 -19.41
N HIS B 328 0.03 7.68 -19.28
CA HIS B 328 -0.47 8.53 -20.40
C HIS B 328 0.54 8.50 -21.57
N ARG B 329 1.82 8.53 -21.26
CA ARG B 329 2.91 8.45 -22.27
C ARG B 329 2.74 7.16 -23.07
N LEU B 330 2.64 6.02 -22.38
CA LEU B 330 2.57 4.68 -23.04
C LEU B 330 1.22 4.51 -23.74
N PHE B 331 0.12 5.04 -23.17
CA PHE B 331 -1.26 4.80 -23.64
C PHE B 331 -2.07 6.10 -23.66
N PRO B 332 -1.71 7.04 -24.56
CA PRO B 332 -2.28 8.39 -24.55
C PRO B 332 -3.76 8.46 -24.96
N ASN B 333 -4.28 7.46 -25.65
CA ASN B 333 -5.71 7.47 -26.11
C ASN B 333 -6.58 6.71 -25.13
N THR B 334 -6.00 6.28 -24.00
CA THR B 334 -6.75 5.62 -22.90
C THR B 334 -6.85 6.59 -21.72
N MET B 335 -8.04 7.15 -21.49
CA MET B 335 -8.24 8.24 -20.50
C MET B 335 -7.94 7.71 -19.10
N LEU B 336 -7.45 8.60 -18.24
CA LEU B 336 -7.31 8.40 -16.79
C LEU B 336 -8.43 9.13 -16.06
N PHE B 337 -9.01 8.45 -15.08
CA PHE B 337 -10.18 8.93 -14.32
C PHE B 337 -10.06 8.55 -12.83
N ALA B 338 -10.23 9.51 -11.92
CA ALA B 338 -10.17 9.26 -10.47
C ALA B 338 -11.59 8.92 -9.98
N SER B 339 -11.79 7.71 -9.46
CA SER B 339 -13.14 7.12 -9.20
C SER B 339 -13.47 6.98 -7.72
N GLU B 340 -12.50 7.17 -6.81
CA GLU B 340 -12.76 7.04 -5.36
C GLU B 340 -11.73 7.74 -4.51
N ALA B 341 -12.19 8.63 -3.63
CA ALA B 341 -11.37 9.31 -2.62
C ALA B 341 -12.22 9.58 -1.39
N CYS B 342 -11.58 9.55 -0.24
CA CYS B 342 -12.16 10.04 1.02
C CYS B 342 -11.05 10.09 2.05
N VAL B 343 -11.26 10.92 3.07
N VAL B 343 -11.27 10.90 3.08
CA VAL B 343 -10.34 11.08 4.24
CA VAL B 343 -10.35 11.07 4.24
C VAL B 343 -10.96 10.33 5.42
C VAL B 343 -10.97 10.36 5.44
N GLY B 344 -10.17 10.13 6.47
CA GLY B 344 -10.64 9.57 7.76
C GLY B 344 -10.53 8.06 7.82
N SER B 345 -10.00 7.40 6.80
CA SER B 345 -10.00 5.91 6.71
C SER B 345 -8.80 5.31 7.45
N LYS B 346 -7.80 6.09 7.84
CA LYS B 346 -6.62 5.61 8.61
C LYS B 346 -7.04 5.27 10.05
N PHE B 347 -6.49 4.18 10.61
CA PHE B 347 -6.81 3.66 11.97
C PHE B 347 -6.57 4.74 13.03
N TRP B 348 -5.60 5.63 12.80
CA TRP B 348 -5.13 6.66 13.76
C TRP B 348 -5.76 8.03 13.50
N GLU B 349 -6.73 8.10 12.58
CA GLU B 349 -7.49 9.32 12.20
C GLU B 349 -8.90 9.24 12.80
N GLN B 350 -9.46 10.34 13.29
CA GLN B 350 -10.92 10.43 13.54
C GLN B 350 -11.62 10.27 12.20
N SER B 351 -12.74 9.56 12.16
CA SER B 351 -13.50 9.36 10.90
C SER B 351 -13.95 10.73 10.35
N VAL B 352 -14.56 11.54 11.21
CA VAL B 352 -15.19 12.84 10.86
C VAL B 352 -14.55 13.94 11.72
N ARG B 353 -13.98 14.95 11.07
CA ARG B 353 -13.47 16.16 11.76
C ARG B 353 -14.25 17.34 11.18
N LEU B 354 -15.39 17.69 11.78
CA LEU B 354 -16.32 18.73 11.23
C LEU B 354 -15.60 20.08 11.15
N GLY B 355 -15.41 20.60 9.93
CA GLY B 355 -14.83 21.92 9.69
C GLY B 355 -13.37 21.84 9.32
N SER B 356 -12.81 20.63 9.20
CA SER B 356 -11.39 20.39 8.89
C SER B 356 -10.99 21.07 7.58
N TRP B 357 -10.08 22.05 7.69
CA TRP B 357 -9.55 22.74 6.49
C TRP B 357 -8.52 21.83 5.81
N ASP B 358 -7.76 21.08 6.62
CA ASP B 358 -6.78 20.07 6.15
C ASP B 358 -7.46 19.13 5.15
N ARG B 359 -8.63 18.61 5.49
CA ARG B 359 -9.35 17.65 4.62
C ARG B 359 -9.80 18.32 3.33
N GLY B 360 -10.20 19.60 3.38
CA GLY B 360 -10.50 20.37 2.16
C GLY B 360 -9.27 20.51 1.26
N MET B 361 -8.14 20.95 1.83
CA MET B 361 -6.89 21.09 1.05
C MET B 361 -6.47 19.73 0.46
N GLN B 362 -6.72 18.61 1.14
CA GLN B 362 -6.38 17.28 0.57
C GLN B 362 -7.15 17.06 -0.75
N TYR B 363 -8.45 17.39 -0.78
CA TYR B 363 -9.31 17.19 -1.98
C TYR B 363 -8.76 18.05 -3.12
N SER B 364 -8.62 19.36 -2.88
CA SER B 364 -8.21 20.31 -3.94
C SER B 364 -6.77 20.02 -4.41
N HIS B 365 -5.85 19.68 -3.51
CA HIS B 365 -4.45 19.30 -3.87
C HIS B 365 -4.46 18.08 -4.80
N SER B 366 -5.24 17.07 -4.43
CA SER B 366 -5.40 15.84 -5.25
C SER B 366 -5.99 16.21 -6.62
N ILE B 367 -7.05 17.00 -6.68
CA ILE B 367 -7.73 17.31 -7.96
C ILE B 367 -6.72 18.02 -8.87
N ILE B 368 -6.01 19.02 -8.36
CA ILE B 368 -4.99 19.75 -9.16
C ILE B 368 -3.90 18.78 -9.63
N THR B 369 -3.35 17.95 -8.75
CA THR B 369 -2.29 17.02 -9.13
C THR B 369 -2.84 16.12 -10.24
N ASN B 370 -4.04 15.56 -10.07
CA ASN B 370 -4.66 14.68 -11.09
C ASN B 370 -4.80 15.46 -12.41
N LEU B 371 -5.34 16.66 -12.37
CA LEU B 371 -5.59 17.40 -13.64
C LEU B 371 -4.25 17.69 -14.33
N LEU B 372 -3.18 17.91 -13.57
CA LEU B 372 -1.83 18.24 -14.12
C LEU B 372 -1.19 16.99 -14.72
N TYR B 373 -1.69 15.78 -14.40
CA TYR B 373 -1.22 14.50 -14.98
C TYR B 373 -2.33 13.77 -15.75
N HIS B 374 -3.06 14.55 -16.55
CA HIS B 374 -3.95 14.08 -17.66
C HIS B 374 -5.26 13.45 -17.18
N VAL B 375 -5.57 13.45 -15.88
CA VAL B 375 -6.82 12.82 -15.37
C VAL B 375 -8.03 13.69 -15.78
N VAL B 376 -9.11 13.05 -16.25
CA VAL B 376 -10.25 13.70 -16.93
C VAL B 376 -11.39 13.91 -15.94
N GLY B 377 -11.28 13.34 -14.75
CA GLY B 377 -12.37 13.49 -13.77
C GLY B 377 -12.00 12.99 -12.40
N TRP B 378 -12.80 13.41 -11.40
CA TRP B 378 -12.53 13.17 -9.97
C TRP B 378 -13.83 12.90 -9.25
N THR B 379 -13.89 11.77 -8.56
CA THR B 379 -15.11 11.25 -7.94
C THR B 379 -14.86 11.07 -6.45
N ASP B 380 -15.64 11.77 -5.66
CA ASP B 380 -15.71 11.57 -4.20
C ASP B 380 -16.35 10.21 -3.91
N TRP B 381 -16.17 9.74 -2.68
CA TRP B 381 -16.86 8.54 -2.16
C TRP B 381 -18.25 8.97 -1.62
N ASN B 382 -18.70 8.48 -0.46
CA ASN B 382 -20.09 8.74 0.02
C ASN B 382 -20.47 10.22 -0.15
N LEU B 383 -21.62 10.48 -0.79
CA LEU B 383 -22.19 11.85 -0.94
C LEU B 383 -22.50 12.45 0.44
N ALA B 384 -22.87 11.60 1.39
CA ALA B 384 -23.24 12.05 2.75
C ALA B 384 -23.09 10.90 3.73
N LEU B 385 -22.74 11.25 4.96
CA LEU B 385 -22.65 10.26 6.06
C LEU B 385 -23.20 10.92 7.33
N ASN B 386 -23.37 10.13 8.38
CA ASN B 386 -23.81 10.63 9.71
C ASN B 386 -22.56 11.14 10.45
N PRO B 387 -22.72 11.79 11.63
CA PRO B 387 -21.56 12.31 12.37
C PRO B 387 -20.51 11.26 12.79
N GLU B 388 -20.89 9.99 12.84
CA GLU B 388 -20.00 8.86 13.21
C GLU B 388 -19.14 8.48 11.99
N GLY B 389 -19.57 8.82 10.79
CA GLY B 389 -18.89 8.49 9.52
C GLY B 389 -19.50 7.25 8.92
N GLY B 390 -20.75 6.96 9.24
CA GLY B 390 -21.43 5.76 8.71
C GLY B 390 -22.82 6.09 8.21
N PRO B 391 -23.73 5.07 8.15
CA PRO B 391 -23.44 3.74 8.68
C PRO B 391 -22.54 2.88 7.79
N ASN B 392 -22.04 1.78 8.37
CA ASN B 392 -20.99 0.93 7.75
C ASN B 392 -21.01 -0.44 8.46
N TRP B 393 -21.32 -1.53 7.76
CA TRP B 393 -21.58 -2.84 8.44
C TRP B 393 -20.28 -3.37 9.09
N VAL B 394 -19.09 -2.92 8.68
CA VAL B 394 -17.81 -3.36 9.33
C VAL B 394 -17.22 -2.21 10.16
N ARG B 395 -18.00 -1.15 10.40
CA ARG B 395 -17.61 0.03 11.21
C ARG B 395 -16.32 0.65 10.65
N ASN B 396 -16.11 0.56 9.33
CA ASN B 396 -15.03 1.24 8.57
C ASN B 396 -15.49 2.68 8.25
N PHE B 397 -15.64 3.51 9.28
CA PHE B 397 -16.20 4.88 9.16
C PHE B 397 -15.17 5.82 8.53
N VAL B 398 -15.64 6.76 7.73
CA VAL B 398 -14.78 7.78 7.05
C VAL B 398 -15.49 9.13 7.10
N ASP B 399 -14.89 10.16 6.50
CA ASP B 399 -15.46 11.51 6.41
C ASP B 399 -16.15 11.66 5.04
N SER B 400 -17.02 12.65 4.92
CA SER B 400 -17.76 12.98 3.67
C SER B 400 -17.94 14.49 3.63
N PRO B 401 -17.99 15.11 2.44
CA PRO B 401 -18.16 16.56 2.37
C PRO B 401 -19.46 17.04 3.00
N ILE B 402 -20.47 16.17 3.13
CA ILE B 402 -21.74 16.57 3.79
C ILE B 402 -22.05 15.55 4.91
N ILE B 403 -22.29 16.07 6.11
CA ILE B 403 -22.58 15.26 7.32
C ILE B 403 -24.01 15.60 7.76
N VAL B 404 -24.84 14.57 7.91
CA VAL B 404 -26.29 14.71 8.21
C VAL B 404 -26.46 14.38 9.68
N ASP B 405 -27.11 15.25 10.46
CA ASP B 405 -27.51 14.94 11.86
C ASP B 405 -29.04 14.79 11.91
N ILE B 406 -29.54 13.55 11.90
N ILE B 406 -29.53 13.55 11.96
CA ILE B 406 -31.00 13.22 11.96
CA ILE B 406 -30.98 13.18 11.92
C ILE B 406 -31.66 14.08 13.04
C ILE B 406 -31.75 13.84 13.08
N THR B 407 -31.12 14.04 14.23
CA THR B 407 -31.81 14.54 15.45
C THR B 407 -32.11 16.03 15.30
N LYS B 408 -31.44 16.75 14.39
CA LYS B 408 -31.60 18.21 14.23
C LYS B 408 -32.22 18.57 12.87
N ASP B 409 -32.61 17.57 12.08
CA ASP B 409 -32.98 17.74 10.66
C ASP B 409 -32.03 18.75 9.99
N THR B 410 -30.71 18.53 10.19
CA THR B 410 -29.61 19.47 9.83
C THR B 410 -28.51 18.67 9.10
N PHE B 411 -27.83 19.33 8.15
CA PHE B 411 -26.62 18.81 7.49
C PHE B 411 -25.60 19.95 7.41
N TYR B 412 -24.34 19.56 7.52
CA TYR B 412 -23.14 20.42 7.57
C TYR B 412 -22.35 20.22 6.27
N LYS B 413 -22.15 21.31 5.54
CA LYS B 413 -21.24 21.39 4.36
C LYS B 413 -19.82 21.75 4.83
N GLN B 414 -18.92 20.79 4.69
CA GLN B 414 -17.52 20.84 5.16
C GLN B 414 -16.65 21.51 4.11
N PRO B 415 -15.44 21.96 4.51
CA PRO B 415 -14.47 22.50 3.56
C PRO B 415 -14.26 21.60 2.34
N MET B 416 -14.34 20.27 2.50
CA MET B 416 -14.16 19.35 1.35
C MET B 416 -15.22 19.66 0.30
N PHE B 417 -16.47 20.01 0.70
CA PHE B 417 -17.54 20.36 -0.28
C PHE B 417 -17.12 21.56 -1.15
N TYR B 418 -16.70 22.64 -0.51
CA TYR B 418 -16.27 23.89 -1.18
C TYR B 418 -14.96 23.66 -1.94
N HIS B 419 -14.00 22.90 -1.43
CA HIS B 419 -12.76 22.61 -2.19
C HIS B 419 -13.12 21.86 -3.48
N LEU B 420 -14.00 20.85 -3.42
CA LEU B 420 -14.45 20.14 -4.65
C LEU B 420 -15.23 21.12 -5.55
N GLY B 421 -16.12 21.94 -4.96
CA GLY B 421 -16.98 22.91 -5.69
C GLY B 421 -16.17 23.92 -6.51
N HIS B 422 -14.97 24.28 -6.05
CA HIS B 422 -14.05 25.23 -6.75
C HIS B 422 -13.68 24.68 -8.14
N PHE B 423 -13.78 23.37 -8.31
CA PHE B 423 -13.56 22.70 -9.61
C PHE B 423 -14.91 22.39 -10.28
N SER B 424 -15.77 21.63 -9.60
CA SER B 424 -16.97 21.02 -10.24
C SER B 424 -17.92 22.12 -10.75
N LYS B 425 -18.04 23.23 -10.01
CA LYS B 425 -19.02 24.30 -10.33
C LYS B 425 -18.60 25.00 -11.64
N PHE B 426 -17.31 25.09 -11.89
CA PHE B 426 -16.69 26.02 -12.86
C PHE B 426 -15.99 25.29 -14.01
N ILE B 427 -15.91 23.95 -13.96
CA ILE B 427 -15.25 23.12 -15.01
C ILE B 427 -16.26 22.11 -15.53
N PRO B 428 -17.14 22.47 -16.50
CA PRO B 428 -18.11 21.52 -17.03
C PRO B 428 -17.43 20.47 -17.90
N GLU B 429 -18.17 19.42 -18.19
CA GLU B 429 -17.83 18.42 -19.22
C GLU B 429 -17.45 19.14 -20.52
N GLY B 430 -16.32 18.79 -21.11
CA GLY B 430 -15.81 19.34 -22.38
C GLY B 430 -14.78 20.43 -22.18
N SER B 431 -14.55 20.89 -20.94
CA SER B 431 -13.45 21.84 -20.61
C SER B 431 -12.12 21.17 -21.00
N GLN B 432 -11.12 21.95 -21.38
CA GLN B 432 -9.81 21.37 -21.77
C GLN B 432 -8.76 22.01 -20.88
N ARG B 433 -7.87 21.21 -20.28
N ARG B 433 -7.89 21.19 -20.24
CA ARG B 433 -6.71 21.68 -19.49
CA ARG B 433 -6.72 21.73 -19.51
C ARG B 433 -5.70 22.32 -20.47
C ARG B 433 -5.80 22.39 -20.53
N VAL B 434 -5.26 23.55 -20.18
CA VAL B 434 -4.25 24.26 -21.01
C VAL B 434 -2.99 24.47 -20.17
N GLY B 435 -1.91 24.91 -20.83
CA GLY B 435 -0.64 25.18 -20.15
C GLY B 435 -0.76 26.35 -19.20
N LEU B 436 0.00 26.32 -18.13
CA LEU B 436 0.13 27.40 -17.13
C LEU B 436 1.52 27.31 -16.56
N VAL B 437 2.35 28.33 -16.79
CA VAL B 437 3.79 28.33 -16.40
C VAL B 437 4.00 29.43 -15.35
N ALA B 438 4.82 29.13 -14.35
CA ALA B 438 5.22 30.03 -13.25
C ALA B 438 6.55 30.72 -13.60
N SER B 439 6.71 32.00 -13.28
CA SER B 439 7.95 32.78 -13.53
C SER B 439 9.03 32.39 -12.50
N GLN B 440 8.65 31.77 -11.39
CA GLN B 440 9.60 31.40 -10.30
C GLN B 440 9.06 30.21 -9.51
N LYS B 441 9.96 29.54 -8.77
CA LYS B 441 9.63 28.59 -7.68
C LYS B 441 8.53 29.20 -6.83
N ASN B 442 7.52 28.41 -6.44
CA ASN B 442 6.40 28.87 -5.60
C ASN B 442 5.75 27.66 -4.91
N ASP B 443 5.03 27.91 -3.83
CA ASP B 443 4.35 26.92 -2.97
C ASP B 443 2.88 26.78 -3.39
N LEU B 444 2.43 27.38 -4.48
CA LEU B 444 0.99 27.33 -4.89
C LEU B 444 0.72 26.09 -5.75
N ASP B 445 -0.51 25.58 -5.66
CA ASP B 445 -1.05 24.54 -6.57
C ASP B 445 -2.00 25.26 -7.52
N ALA B 446 -1.77 25.16 -8.84
CA ALA B 446 -2.56 25.94 -9.82
C ALA B 446 -2.84 25.10 -11.06
N VAL B 447 -4.00 25.29 -11.67
CA VAL B 447 -4.31 24.68 -12.99
C VAL B 447 -5.19 25.65 -13.75
N ALA B 448 -5.02 25.66 -15.07
CA ALA B 448 -5.81 26.50 -16.02
C ALA B 448 -6.50 25.56 -16.99
N LEU B 449 -7.75 25.89 -17.32
CA LEU B 449 -8.53 25.14 -18.33
C LEU B 449 -9.30 26.15 -19.15
N MET B 450 -9.77 25.71 -20.32
CA MET B 450 -10.67 26.47 -21.21
C MET B 450 -12.05 25.79 -21.18
N HIS B 451 -13.06 26.52 -20.74
CA HIS B 451 -14.49 26.15 -20.75
C HIS B 451 -14.85 25.84 -22.19
N PRO B 452 -15.82 24.94 -22.48
CA PRO B 452 -16.30 24.74 -23.86
C PRO B 452 -16.61 26.08 -24.57
N ASP B 453 -17.13 27.08 -23.85
CA ASP B 453 -17.53 28.40 -24.44
C ASP B 453 -16.31 29.30 -24.70
N GLY B 454 -15.08 28.83 -24.46
CA GLY B 454 -13.83 29.58 -24.72
C GLY B 454 -13.36 30.42 -23.53
N SER B 455 -14.18 30.65 -22.51
CA SER B 455 -13.77 31.44 -21.32
C SER B 455 -12.69 30.67 -20.54
N ALA B 456 -11.92 31.40 -19.75
CA ALA B 456 -10.80 30.83 -18.96
C ALA B 456 -11.28 30.46 -17.56
N VAL B 457 -10.63 29.45 -16.97
N VAL B 457 -10.65 29.41 -17.01
CA VAL B 457 -10.83 29.07 -15.54
CA VAL B 457 -10.79 28.97 -15.60
C VAL B 457 -9.48 28.62 -14.95
C VAL B 457 -9.38 28.72 -15.05
N VAL B 458 -9.04 29.32 -13.90
CA VAL B 458 -7.75 29.04 -13.19
C VAL B 458 -8.12 28.81 -11.72
N VAL B 459 -7.71 27.68 -11.17
CA VAL B 459 -7.86 27.43 -9.71
C VAL B 459 -6.47 27.53 -9.10
N VAL B 460 -6.39 28.26 -8.00
CA VAL B 460 -5.14 28.54 -7.22
C VAL B 460 -5.39 28.11 -5.81
N LEU B 461 -4.62 27.15 -5.34
CA LEU B 461 -4.68 26.72 -3.94
C LEU B 461 -3.38 27.12 -3.23
N ASN B 462 -3.51 27.73 -2.06
CA ASN B 462 -2.40 28.05 -1.14
C ASN B 462 -2.50 27.17 0.10
N ARG B 463 -1.67 26.15 0.23
CA ARG B 463 -1.64 25.25 1.41
C ARG B 463 -0.69 25.80 2.47
N SER B 464 0.00 26.91 2.18
CA SER B 464 0.97 27.56 3.10
C SER B 464 0.23 28.61 3.95
N SER B 465 0.85 29.03 5.06
CA SER B 465 0.37 30.08 5.99
C SER B 465 0.65 31.46 5.42
N LYS B 466 1.45 31.57 4.37
CA LYS B 466 1.96 32.89 3.86
C LYS B 466 1.06 33.38 2.70
N ASP B 467 0.64 34.65 2.75
CA ASP B 467 0.00 35.36 1.62
C ASP B 467 1.03 35.42 0.49
N VAL B 468 0.60 35.19 -0.75
CA VAL B 468 1.44 35.24 -1.98
C VAL B 468 0.76 36.19 -2.95
N PRO B 469 1.21 37.46 -3.08
CA PRO B 469 0.74 38.33 -4.15
C PRO B 469 1.15 37.65 -5.46
N LEU B 470 0.34 37.78 -6.51
CA LEU B 470 0.69 37.19 -7.81
C LEU B 470 -0.12 37.83 -8.92
N THR B 471 0.33 37.56 -10.13
CA THR B 471 -0.20 38.10 -11.40
C THR B 471 -0.52 36.88 -12.28
N ILE B 472 -1.69 36.88 -12.90
CA ILE B 472 -2.04 35.90 -13.96
C ILE B 472 -2.08 36.65 -15.30
N LYS B 473 -1.32 36.16 -16.27
CA LYS B 473 -1.29 36.72 -17.64
C LYS B 473 -2.06 35.77 -18.57
N ASP B 474 -3.04 36.32 -19.30
CA ASP B 474 -3.62 35.68 -20.51
C ASP B 474 -3.23 36.57 -21.68
N PRO B 475 -2.44 36.10 -22.67
CA PRO B 475 -2.03 36.93 -23.81
C PRO B 475 -3.20 37.59 -24.59
N ALA B 476 -4.40 37.03 -24.51
CA ALA B 476 -5.59 37.46 -25.28
C ALA B 476 -6.30 38.65 -24.60
N VAL B 477 -6.02 38.91 -23.33
CA VAL B 477 -6.82 39.85 -22.49
C VAL B 477 -5.93 40.73 -21.59
N GLY B 478 -4.80 40.22 -21.08
CA GLY B 478 -3.86 40.98 -20.24
C GLY B 478 -3.55 40.30 -18.92
N PHE B 479 -3.51 41.07 -17.83
CA PHE B 479 -2.95 40.65 -16.53
C PHE B 479 -3.98 40.87 -15.42
N LEU B 480 -4.17 39.84 -14.57
CA LEU B 480 -4.99 39.88 -13.33
C LEU B 480 -4.06 40.10 -12.15
N GLU B 481 -4.13 41.26 -11.50
CA GLU B 481 -3.34 41.50 -10.28
C GLU B 481 -4.17 40.96 -9.11
N THR B 482 -3.60 40.06 -8.33
CA THR B 482 -4.36 39.35 -7.28
C THR B 482 -3.39 38.98 -6.16
N ILE B 483 -3.92 38.30 -5.15
CA ILE B 483 -3.17 37.76 -3.99
C ILE B 483 -3.82 36.42 -3.62
N SER B 484 -3.02 35.41 -3.31
CA SER B 484 -3.47 34.10 -2.80
C SER B 484 -3.20 34.13 -1.30
N PRO B 485 -4.19 34.45 -0.43
CA PRO B 485 -3.94 34.40 1.01
C PRO B 485 -3.52 32.99 1.44
N GLY B 486 -2.75 32.89 2.52
CA GLY B 486 -2.41 31.62 3.16
C GLY B 486 -3.70 30.85 3.45
N TYR B 487 -3.71 29.53 3.24
CA TYR B 487 -4.89 28.68 3.55
C TYR B 487 -6.11 29.25 2.82
N SER B 488 -5.97 29.44 1.51
CA SER B 488 -7.09 29.90 0.65
C SER B 488 -7.20 29.01 -0.60
N ILE B 489 -8.35 29.05 -1.25
CA ILE B 489 -8.49 28.50 -2.62
C ILE B 489 -9.31 29.51 -3.40
N HIS B 490 -8.85 29.82 -4.59
CA HIS B 490 -9.53 30.75 -5.51
C HIS B 490 -9.87 30.02 -6.81
N THR B 491 -11.01 30.35 -7.38
CA THR B 491 -11.29 30.05 -8.81
C THR B 491 -11.49 31.40 -9.48
N TYR B 492 -10.67 31.68 -10.51
CA TYR B 492 -10.76 32.86 -11.41
C TYR B 492 -11.48 32.44 -12.70
N LEU B 493 -12.47 33.24 -13.14
CA LEU B 493 -13.15 33.11 -14.47
C LEU B 493 -12.97 34.41 -15.26
N TRP B 494 -12.72 34.33 -16.57
CA TRP B 494 -12.87 35.54 -17.43
C TRP B 494 -13.15 35.13 -18.86
N ARG B 495 -13.89 35.98 -19.58
N ARG B 495 -13.93 35.98 -19.55
CA ARG B 495 -14.16 35.85 -21.04
CA ARG B 495 -14.12 36.00 -21.03
C ARG B 495 -12.89 36.24 -21.79
C ARG B 495 -12.75 36.15 -21.70
N ARG B 496 -12.58 35.57 -22.89
CA ARG B 496 -11.35 35.80 -23.70
C ARG B 496 -11.70 36.55 -25.00
N GLN B 497 -12.97 36.93 -25.22
CA GLN B 497 -13.41 37.79 -26.36
C GLN B 497 -14.81 38.35 -26.08
#